data_5XGJ
#
_entry.id   5XGJ
#
_cell.length_a   69.877
_cell.length_b   136.368
_cell.length_c   149.028
_cell.angle_alpha   90.00
_cell.angle_beta   90.00
_cell.angle_gamma   90.00
#
_symmetry.space_group_name_H-M   'P 21 21 21'
#
loop_
_entity.id
_entity.type
_entity.pdbx_description
1 polymer 'Phosphatidylinositol 4,5-bisphosphate 3-kinase catalytic subunit alpha isoform'
2 polymer 'Phosphatidylinositol 3-kinase regulatory subunit alpha'
3 non-polymer 3-(4-morpholin-4-ylfuro[3,2-d]pyrimidin-2-yl)-5-[(phenylmethyl)amino]phenol
4 non-polymer 'SULFATE ION'
5 water water
#
loop_
_entity_poly.entity_id
_entity_poly.type
_entity_poly.pdbx_seq_one_letter_code
_entity_poly.pdbx_strand_id
1 'polypeptide(L)'
;GELWGIHLMPPRILVECLLPNGMIVTLECLREATLITIKHELFKEARKYPLHQLLQDESSYIFVSVTQEAEREEFFDETR
RLCDLRLFQPFLKVIEPVGNREEKILNREIGFAIGMPVCEFDMVKDPEVQDFRRNILNVCKEAVDLRDLNSPHSRAMYVY
PPNVESSPELPKHIYNKLDKGQIIVVIWVIVSPNNDKQKYTLKINHDCVPEQVIAEAIRKKTRSMLLSSEQLKLCVLEYQ
GKYILKVCGCDEYFLEKYPLSQYKYIRSCIMLGRMPNLMLMAKESLYSQLPMDCFTMPSYSRRISTATPYMNGETSTKSL
WVINSALRIKILCATYVNVNIRDIDKIYVRTGIYHGGEPLCDNVNTQRVPCSNPRWNEWLNYDIYIPDLPRAARLCLSIC
SVKGRKGAKEEHCPLAWGNINLFDYTDTLVSGKMALNLWPVPHGLEDLLNPIGVTGSNPNKETPCLELEFDWFSSVVKFP
DMSVIEEHANWSVSREAGFSYSHAGLSNRLARDNELRENDKEQLKAISTRDPLSEITEQEKDFLWSHRHYCVTIPEILPK
LLLSVKWNSRDEVAQMYCLVKDWPPIKPEQAMELLDCNYPDPMVRGFAVRCLEKYLTDDKLSQYLIQLVQVLKYEQYLDN
LLVRFLLKKALTNQRIGHFFFWHLKSEMHNKTVSQRFGLLLESYCRACGMYLKHLNRQVEAMEKLINLTDILKQEKKDET
QKVQMKFLVEQMRRPDFMDALQGFLSPLNPAHQLGNLRLEECRIMSSAKRPLWLNWENPDIMSELLFQNNEIIFKNGDDL
RQDMLTLQIIRIMENIWQNQGLDLRMLPYGCLSIGDCVGLIEVVRNSHTIMQIQCKGGLKGALQFNSHTLHQWLKDKNKG
EIYDAAIDLFTRSCAGYCVATFILGIGDRHNSNIMVKDDGQLFHIDFGHFLDHKKKKFGYKRERVPFVLTQDFLIVISKG
AQECTKTREFERFQEMCYKAYLAIRQHANLFINLFSMMLGSGMPELQSFDDIAYIRKTLALDKTEQEALEYFMKQMNDAH
HGGWTTKM
;
A
2 'polypeptide(L)'
;MNNNMSLQDAEWYWGDISREEVNEKLRDTADGTFLVRDASTKMHGDYTLTLRKGGNNKLIKIFHRDGKYGFSDPLTFSSV
VELINHYRNESLAQYNPKLDVKLLYPVSKYQQDQVVKEDNIEAVGKKLHEYNTQFQEKSREYDRLYEEYTRTSQEIQMKR
TAIEAFNETIKIFEEQCQTQERYSKEYIEKFKREGNEKEIQRIMHNYDKLKSRISEIIDSRRRLEEDLKKQAAEYREIDK
RMNSIKPDLIQLRKTRDQYLMWLTQKGVRQKKLNEWLG
;
B
#
# COMPACT_ATOMS: atom_id res chain seq x y z
N GLY A 1 -8.95 -17.39 16.33
CA GLY A 1 -9.39 -18.17 17.52
C GLY A 1 -8.23 -18.65 18.39
N GLU A 2 -8.52 -18.90 19.66
CA GLU A 2 -7.51 -19.34 20.64
C GLU A 2 -7.31 -20.86 20.70
N LEU A 3 -8.16 -21.62 19.99
CA LEU A 3 -8.02 -23.07 19.88
C LEU A 3 -8.77 -23.55 18.64
N TRP A 4 -8.04 -24.17 17.70
CA TRP A 4 -8.55 -24.42 16.33
C TRP A 4 -9.97 -25.00 16.28
N GLY A 5 -10.89 -24.28 15.63
CA GLY A 5 -12.31 -24.62 15.61
C GLY A 5 -13.15 -23.87 16.63
N ILE A 6 -12.49 -23.22 17.60
CA ILE A 6 -13.15 -22.47 18.68
C ILE A 6 -12.56 -21.07 18.70
N HIS A 7 -13.38 -20.08 19.09
CA HIS A 7 -12.90 -18.71 19.30
C HIS A 7 -12.24 -18.62 20.68
N LEU A 8 -13.02 -18.86 21.73
CA LEU A 8 -12.54 -18.89 23.12
C LEU A 8 -13.01 -20.18 23.78
N MET A 9 -12.09 -20.87 24.46
CA MET A 9 -12.43 -22.07 25.23
C MET A 9 -13.13 -21.68 26.54
N PRO A 10 -14.08 -22.51 27.03
CA PRO A 10 -14.76 -22.21 28.30
C PRO A 10 -13.88 -22.50 29.52
N PRO A 11 -14.30 -22.07 30.73
CA PRO A 11 -13.49 -22.27 31.95
C PRO A 11 -13.05 -23.71 32.18
N ARG A 12 -14.01 -24.63 32.18
CA ARG A 12 -13.73 -26.06 32.30
C ARG A 12 -13.30 -26.59 30.93
N ILE A 13 -12.09 -27.16 30.86
CA ILE A 13 -11.58 -27.76 29.62
C ILE A 13 -10.54 -28.83 29.94
N LEU A 14 -10.63 -29.97 29.26
CA LEU A 14 -9.72 -31.11 29.48
C LEU A 14 -8.48 -30.97 28.61
N VAL A 15 -7.35 -31.45 29.12
CA VAL A 15 -6.07 -31.39 28.40
C VAL A 15 -5.29 -32.71 28.55
N GLU A 16 -4.80 -33.24 27.44
CA GLU A 16 -4.05 -34.49 27.40
C GLU A 16 -2.57 -34.21 27.66
N CYS A 17 -2.09 -34.57 28.85
CA CYS A 17 -0.70 -34.35 29.24
C CYS A 17 0.15 -35.58 28.95
N LEU A 18 1.19 -35.41 28.14
CA LEU A 18 2.05 -36.51 27.69
C LEU A 18 3.40 -36.51 28.45
N LEU A 19 3.53 -37.43 29.39
CA LEU A 19 4.70 -37.51 30.28
C LEU A 19 5.88 -38.20 29.59
N PRO A 20 7.13 -37.96 30.06
CA PRO A 20 8.30 -38.51 29.36
C PRO A 20 8.60 -39.99 29.65
N ASN A 21 7.87 -40.60 30.60
CA ASN A 21 7.92 -42.05 30.80
C ASN A 21 7.15 -42.83 29.72
N GLY A 22 6.14 -42.19 29.13
CA GLY A 22 5.28 -42.83 28.11
C GLY A 22 3.78 -42.78 28.38
N MET A 23 3.38 -42.37 29.58
CA MET A 23 1.96 -42.34 29.96
C MET A 23 1.24 -41.12 29.38
N ILE A 24 -0.08 -41.13 29.47
CA ILE A 24 -0.93 -40.03 29.01
C ILE A 24 -2.00 -39.72 30.07
N VAL A 25 -1.87 -38.55 30.70
CA VAL A 25 -2.72 -38.13 31.82
C VAL A 25 -3.71 -37.06 31.37
N THR A 26 -4.98 -37.44 31.26
CA THR A 26 -6.07 -36.48 31.01
C THR A 26 -6.28 -35.68 32.29
N LEU A 27 -6.34 -34.35 32.16
CA LEU A 27 -6.29 -33.45 33.32
C LEU A 27 -7.34 -32.34 33.26
N GLU A 28 -7.99 -32.11 34.41
CA GLU A 28 -8.93 -31.00 34.58
C GLU A 28 -8.14 -29.75 34.94
N CYS A 29 -8.43 -28.64 34.27
CA CYS A 29 -7.81 -27.34 34.60
C CYS A 29 -8.61 -26.16 34.07
N LEU A 30 -8.55 -25.06 34.82
CA LEU A 30 -9.30 -23.84 34.49
C LEU A 30 -8.61 -23.03 33.37
N ARG A 31 -9.44 -22.34 32.58
CA ARG A 31 -8.99 -21.60 31.38
C ARG A 31 -8.03 -20.44 31.68
N GLU A 32 -8.24 -19.79 32.82
CA GLU A 32 -7.43 -18.63 33.21
C GLU A 32 -6.03 -18.98 33.72
N ALA A 33 -5.82 -20.23 34.15
CA ALA A 33 -4.60 -20.62 34.88
C ALA A 33 -3.34 -20.66 34.03
N THR A 34 -2.20 -20.59 34.71
CA THR A 34 -0.87 -20.55 34.09
C THR A 34 -0.25 -21.95 34.01
N LEU A 35 0.90 -22.04 33.35
CA LEU A 35 1.62 -23.33 33.18
C LEU A 35 2.18 -23.90 34.49
N ILE A 36 2.75 -23.03 35.33
CA ILE A 36 3.26 -23.45 36.65
C ILE A 36 2.15 -24.03 37.55
N THR A 37 0.92 -23.53 37.39
CA THR A 37 -0.25 -24.09 38.07
C THR A 37 -0.62 -25.46 37.49
N ILE A 38 -0.61 -25.58 36.16
CA ILE A 38 -0.93 -26.85 35.47
C ILE A 38 0.12 -27.94 35.74
N LYS A 39 1.40 -27.55 35.77
CA LYS A 39 2.49 -28.48 36.10
C LYS A 39 2.44 -28.95 37.56
N HIS A 40 1.92 -28.11 38.45
CA HIS A 40 1.69 -28.49 39.85
C HIS A 40 0.57 -29.52 39.96
N GLU A 41 -0.52 -29.29 39.23
CA GLU A 41 -1.67 -30.21 39.19
C GLU A 41 -1.36 -31.52 38.43
N LEU A 42 -0.45 -31.46 37.45
CA LEU A 42 -0.10 -32.62 36.63
C LEU A 42 0.66 -33.70 37.40
N PHE A 43 1.83 -33.33 37.94
CA PHE A 43 2.69 -34.28 38.65
C PHE A 43 2.15 -34.69 40.03
N LYS A 44 1.21 -33.93 40.56
CA LYS A 44 0.42 -34.34 41.72
C LYS A 44 -0.50 -35.51 41.35
N GLU A 45 -1.25 -35.35 40.26
CA GLU A 45 -2.15 -36.40 39.76
C GLU A 45 -1.41 -37.56 39.08
N ALA A 46 -0.19 -37.32 38.61
CA ALA A 46 0.63 -38.36 37.94
C ALA A 46 1.04 -39.52 38.84
N ARG A 47 1.04 -39.31 40.16
CA ARG A 47 1.29 -40.38 41.14
C ARG A 47 0.32 -41.56 40.98
N LYS A 48 -0.95 -41.27 40.73
CA LYS A 48 -1.98 -42.31 40.56
C LYS A 48 -1.74 -43.18 39.32
N TYR A 49 -1.23 -42.58 38.25
CA TYR A 49 -0.92 -43.30 37.01
C TYR A 49 0.39 -44.09 37.14
N PRO A 50 0.62 -45.10 36.28
CA PRO A 50 1.82 -45.94 36.43
C PRO A 50 3.14 -45.24 36.11
N LEU A 51 4.23 -45.86 36.55
CA LEU A 51 5.61 -45.40 36.27
C LEU A 51 5.91 -43.95 36.74
N HIS A 52 5.28 -43.53 37.84
CA HIS A 52 5.61 -42.24 38.48
C HIS A 52 6.94 -42.31 39.24
N GLN A 53 7.45 -43.52 39.47
CA GLN A 53 8.80 -43.75 40.01
C GLN A 53 9.88 -43.13 39.12
N LEU A 54 9.73 -43.28 37.81
CA LEU A 54 10.71 -42.80 36.83
C LEU A 54 10.70 -41.27 36.65
N LEU A 55 9.58 -40.62 36.96
CA LEU A 55 9.44 -39.17 36.80
C LEU A 55 10.36 -38.38 37.75
N GLN A 56 10.87 -37.27 37.24
CA GLN A 56 11.77 -36.38 38.00
C GLN A 56 10.93 -35.25 38.63
N ASP A 57 11.60 -34.21 39.14
CA ASP A 57 10.91 -33.07 39.76
C ASP A 57 10.23 -32.19 38.70
N GLU A 58 9.17 -31.49 39.12
CA GLU A 58 8.41 -30.57 38.26
C GLU A 58 9.27 -29.49 37.60
N SER A 59 10.24 -28.96 38.36
CA SER A 59 11.15 -27.92 37.87
C SER A 59 12.10 -28.37 36.75
N SER A 60 12.37 -29.68 36.68
CA SER A 60 13.25 -30.24 35.65
C SER A 60 12.68 -30.19 34.23
N TYR A 61 11.35 -30.20 34.10
CA TYR A 61 10.66 -30.31 32.81
C TYR A 61 10.11 -28.97 32.27
N ILE A 62 9.68 -29.02 31.01
CA ILE A 62 9.09 -27.86 30.30
C ILE A 62 7.96 -28.37 29.38
N PHE A 63 6.88 -27.60 29.27
CA PHE A 63 5.76 -27.97 28.38
C PHE A 63 6.09 -27.68 26.91
N VAL A 64 5.58 -28.55 26.03
CA VAL A 64 5.74 -28.42 24.57
C VAL A 64 4.42 -28.82 23.90
N SER A 65 4.05 -28.09 22.85
CA SER A 65 2.84 -28.40 22.07
C SER A 65 2.88 -27.78 20.66
N VAL A 66 1.88 -28.13 19.86
CA VAL A 66 1.72 -27.58 18.51
C VAL A 66 0.87 -26.31 18.59
N THR A 67 1.27 -25.28 17.86
CA THR A 67 0.56 -24.00 17.82
C THR A 67 -0.32 -23.89 16.58
N GLN A 68 -1.06 -22.78 16.48
CA GLN A 68 -1.92 -22.49 15.31
C GLN A 68 -1.15 -22.55 13.98
N GLU A 69 0.12 -22.13 14.01
CA GLU A 69 0.97 -22.08 12.81
C GLU A 69 1.82 -23.35 12.57
N ALA A 70 1.40 -24.48 13.15
CA ALA A 70 2.06 -25.79 12.96
C ALA A 70 3.53 -25.86 13.44
N GLU A 71 3.88 -25.03 14.42
CA GLU A 71 5.22 -24.98 14.99
C GLU A 71 5.24 -25.74 16.31
N ARG A 72 6.31 -26.51 16.54
CA ARG A 72 6.51 -27.17 17.83
C ARG A 72 7.10 -26.16 18.81
N GLU A 73 6.21 -25.33 19.38
CA GLU A 73 6.60 -24.23 20.26
C GLU A 73 6.84 -24.71 21.69
N GLU A 74 7.99 -24.35 22.26
CA GLU A 74 8.37 -24.69 23.63
C GLU A 74 8.02 -23.54 24.57
N PHE A 75 7.33 -23.85 25.66
CA PHE A 75 6.80 -22.83 26.59
C PHE A 75 7.71 -22.64 27.80
N PHE A 76 8.72 -21.79 27.62
CA PHE A 76 9.68 -21.46 28.68
C PHE A 76 9.04 -20.54 29.72
N ASP A 77 8.41 -19.47 29.23
CA ASP A 77 7.71 -18.52 30.08
C ASP A 77 6.44 -19.17 30.65
N GLU A 78 6.55 -19.73 31.86
CA GLU A 78 5.46 -20.49 32.48
C GLU A 78 4.38 -19.62 33.15
N THR A 79 4.57 -18.30 33.18
CA THR A 79 3.53 -17.36 33.62
C THR A 79 2.41 -17.15 32.57
N ARG A 80 2.66 -17.56 31.33
CA ARG A 80 1.64 -17.50 30.27
C ARG A 80 0.49 -18.46 30.56
N ARG A 81 -0.72 -18.07 30.16
CA ARG A 81 -1.95 -18.81 30.50
C ARG A 81 -2.56 -19.50 29.28
N LEU A 82 -3.37 -20.54 29.56
CA LEU A 82 -3.82 -21.52 28.57
C LEU A 82 -4.42 -20.91 27.29
N CYS A 83 -5.25 -19.89 27.44
CA CYS A 83 -5.89 -19.23 26.30
C CYS A 83 -4.92 -18.39 25.47
N ASP A 84 -3.90 -17.81 26.11
CA ASP A 84 -2.87 -17.01 25.42
C ASP A 84 -1.79 -17.84 24.72
N LEU A 85 -1.76 -19.16 24.95
CA LEU A 85 -0.76 -20.05 24.34
C LEU A 85 -0.89 -20.21 22.82
N ARG A 86 -2.12 -20.05 22.30
CA ARG A 86 -2.43 -20.25 20.87
C ARG A 86 -2.17 -21.70 20.43
N LEU A 87 -2.69 -22.64 21.20
CA LEU A 87 -2.53 -24.07 20.90
C LEU A 87 -3.39 -24.48 19.72
N PHE A 88 -2.96 -25.52 19.01
CA PHE A 88 -3.74 -26.09 17.92
C PHE A 88 -4.88 -26.93 18.50
N GLN A 89 -4.52 -27.86 19.38
CA GLN A 89 -5.48 -28.69 20.11
C GLN A 89 -5.01 -28.84 21.56
N PRO A 90 -5.96 -29.04 22.50
CA PRO A 90 -5.60 -29.01 23.92
C PRO A 90 -4.79 -30.24 24.36
N PHE A 91 -3.48 -30.14 24.19
CA PHE A 91 -2.54 -31.15 24.69
C PHE A 91 -1.20 -30.50 25.02
N LEU A 92 -0.46 -31.12 25.94
CA LEU A 92 0.86 -30.63 26.35
C LEU A 92 1.80 -31.81 26.58
N LYS A 93 3.02 -31.72 26.07
CA LYS A 93 4.05 -32.75 26.24
C LYS A 93 5.19 -32.20 27.10
N VAL A 94 5.45 -32.85 28.23
CA VAL A 94 6.58 -32.47 29.09
C VAL A 94 7.86 -33.23 28.69
N ILE A 95 8.93 -32.48 28.48
CA ILE A 95 10.26 -33.02 28.22
C ILE A 95 11.32 -32.15 28.89
N GLU A 96 12.57 -32.59 28.87
CA GLU A 96 13.69 -31.80 29.38
C GLU A 96 14.13 -30.82 28.29
N PRO A 97 14.35 -29.53 28.66
CA PRO A 97 14.72 -28.51 27.67
C PRO A 97 16.15 -28.68 27.16
N VAL A 98 16.36 -28.46 25.87
CA VAL A 98 17.67 -28.61 25.23
C VAL A 98 17.93 -27.49 24.22
N GLY A 99 19.20 -27.32 23.86
CA GLY A 99 19.62 -26.29 22.91
C GLY A 99 19.74 -24.91 23.53
N ASN A 100 20.07 -23.93 22.68
CA ASN A 100 20.28 -22.55 23.12
C ASN A 100 18.94 -21.90 23.50
N ARG A 101 18.70 -21.77 24.81
CA ARG A 101 17.47 -21.19 25.34
C ARG A 101 17.34 -19.69 25.06
N GLU A 102 18.46 -18.98 24.96
CA GLU A 102 18.46 -17.54 24.66
C GLU A 102 17.91 -17.26 23.26
N GLU A 103 18.30 -18.10 22.30
CA GLU A 103 17.87 -17.96 20.89
C GLU A 103 16.43 -18.40 20.66
N LYS A 104 16.01 -19.49 21.32
CA LYS A 104 14.64 -20.03 21.17
C LYS A 104 13.54 -19.07 21.66
N ILE A 105 13.84 -18.25 22.67
CA ILE A 105 12.93 -17.22 23.14
C ILE A 105 12.80 -16.13 22.07
N LEU A 106 13.94 -15.62 21.62
CA LEU A 106 13.99 -14.53 20.64
C LEU A 106 13.38 -14.92 19.29
N ASN A 107 13.58 -16.16 18.85
CA ASN A 107 12.95 -16.67 17.63
C ASN A 107 11.42 -16.76 17.74
N ARG A 108 10.92 -17.10 18.93
CA ARG A 108 9.47 -17.12 19.19
C ARG A 108 8.89 -15.70 19.21
N GLU A 109 9.60 -14.78 19.86
CA GLU A 109 9.18 -13.37 19.95
C GLU A 109 9.19 -12.68 18.58
N ILE A 110 10.21 -12.96 17.78
CA ILE A 110 10.27 -12.49 16.38
C ILE A 110 9.15 -13.13 15.55
N GLY A 111 8.93 -14.43 15.74
CA GLY A 111 7.86 -15.16 15.04
C GLY A 111 6.45 -14.68 15.36
N PHE A 112 6.24 -14.24 16.60
CA PHE A 112 4.96 -13.69 17.03
C PHE A 112 4.74 -12.28 16.47
N ALA A 113 5.82 -11.50 16.39
CA ALA A 113 5.77 -10.14 15.85
C ALA A 113 5.52 -10.13 14.34
N ILE A 114 6.22 -11.00 13.61
CA ILE A 114 6.10 -11.09 12.14
C ILE A 114 4.73 -11.60 11.71
N GLY A 115 4.22 -12.63 12.41
CA GLY A 115 2.99 -13.32 12.01
C GLY A 115 3.24 -14.64 11.29
N MET A 116 4.46 -15.17 11.40
CA MET A 116 4.77 -16.53 10.95
C MET A 116 6.06 -17.00 11.64
N PRO A 117 6.24 -18.34 11.79
CA PRO A 117 7.46 -18.84 12.44
C PRO A 117 8.76 -18.53 11.70
N VAL A 118 9.85 -18.39 12.46
CA VAL A 118 11.19 -18.22 11.89
C VAL A 118 11.68 -19.51 11.25
N CYS A 119 11.25 -20.66 11.76
CA CYS A 119 11.61 -21.97 11.20
C CYS A 119 11.14 -22.19 9.75
N GLU A 120 10.09 -21.47 9.33
CA GLU A 120 9.65 -21.49 7.92
C GLU A 120 10.67 -20.86 6.97
N PHE A 121 11.38 -19.82 7.42
CA PHE A 121 12.47 -19.22 6.64
C PHE A 121 13.69 -20.13 6.53
N ASP A 122 13.98 -20.90 7.58
CA ASP A 122 15.11 -21.84 7.59
C ASP A 122 14.98 -22.94 6.53
N MET A 123 13.74 -23.37 6.26
CA MET A 123 13.45 -24.42 5.29
C MET A 123 13.13 -23.88 3.87
N VAL A 124 13.60 -22.66 3.55
CA VAL A 124 13.52 -22.11 2.20
C VAL A 124 14.78 -22.51 1.45
N LYS A 125 14.62 -23.03 0.24
CA LYS A 125 15.73 -23.55 -0.58
C LYS A 125 16.22 -22.59 -1.69
N ASP A 126 15.53 -21.46 -1.85
CA ASP A 126 15.97 -20.39 -2.76
C ASP A 126 17.23 -19.70 -2.18
N PRO A 127 18.35 -19.69 -2.93
CA PRO A 127 19.59 -19.07 -2.38
C PRO A 127 19.55 -17.55 -2.19
N GLU A 128 18.65 -16.85 -2.89
CA GLU A 128 18.46 -15.41 -2.70
C GLU A 128 17.91 -15.05 -1.31
N VAL A 129 17.05 -15.93 -0.78
CA VAL A 129 16.47 -15.75 0.56
C VAL A 129 17.52 -15.90 1.65
N GLN A 130 18.35 -16.94 1.57
CA GLN A 130 19.38 -17.20 2.58
C GLN A 130 20.56 -16.24 2.48
N ASP A 131 20.88 -15.79 1.26
CA ASP A 131 21.86 -14.71 1.05
C ASP A 131 21.40 -13.42 1.72
N PHE A 132 20.13 -13.07 1.54
CA PHE A 132 19.54 -11.87 2.15
C PHE A 132 19.65 -11.90 3.67
N ARG A 133 19.24 -13.02 4.27
CA ARG A 133 19.27 -13.19 5.73
C ARG A 133 20.67 -12.99 6.34
N ARG A 134 21.69 -13.52 5.67
CA ARG A 134 23.08 -13.36 6.11
C ARG A 134 23.64 -11.97 5.78
N ASN A 135 23.39 -11.48 4.57
CA ASN A 135 23.92 -10.18 4.13
C ASN A 135 23.27 -8.98 4.83
N ILE A 136 21.96 -9.06 5.08
CA ILE A 136 21.23 -7.95 5.72
C ILE A 136 21.66 -7.69 7.16
N LEU A 137 22.21 -8.72 7.83
CA LEU A 137 22.80 -8.56 9.17
C LEU A 137 23.98 -7.57 9.21
N ASN A 138 24.63 -7.34 8.07
CA ASN A 138 25.66 -6.30 7.95
C ASN A 138 25.07 -4.90 8.21
N VAL A 139 23.87 -4.65 7.69
CA VAL A 139 23.17 -3.38 7.91
C VAL A 139 22.69 -3.27 9.36
N CYS A 140 22.15 -4.37 9.88
CA CYS A 140 21.69 -4.44 11.27
C CYS A 140 22.83 -4.14 12.26
N LYS A 141 23.97 -4.80 12.07
CA LYS A 141 25.16 -4.58 12.91
C LYS A 141 25.81 -3.20 12.69
N GLU A 142 25.65 -2.63 11.50
CA GLU A 142 26.04 -1.25 11.22
C GLU A 142 25.12 -0.26 11.95
N ALA A 143 23.82 -0.56 11.96
CA ALA A 143 22.82 0.31 12.60
C ALA A 143 22.99 0.41 14.11
N VAL A 144 23.13 -0.74 14.77
CA VAL A 144 23.31 -0.78 16.23
C VAL A 144 24.61 -0.12 16.72
N ASP A 145 25.66 -0.17 15.89
CA ASP A 145 26.91 0.53 16.20
C ASP A 145 26.78 2.05 16.13
N LEU A 146 25.87 2.55 15.31
CA LEU A 146 25.62 4.00 15.19
C LEU A 146 24.96 4.55 16.46
N ARG A 147 23.91 3.87 16.92
CA ARG A 147 23.19 4.28 18.14
C ARG A 147 23.94 3.94 19.45
N ASP A 148 24.97 3.11 19.38
CA ASP A 148 25.88 2.85 20.51
C ASP A 148 27.18 3.66 20.48
N LEU A 149 27.33 4.55 19.47
CA LEU A 149 28.60 5.27 19.24
C LEU A 149 28.85 6.34 20.30
N ASN A 150 27.88 7.21 20.51
CA ASN A 150 27.96 8.29 21.50
C ASN A 150 26.99 7.97 22.66
N SER A 151 27.20 6.80 23.27
CA SER A 151 26.35 6.31 24.36
C SER A 151 26.63 7.10 25.64
N PRO A 152 25.63 7.35 26.51
CA PRO A 152 24.23 6.90 26.38
C PRO A 152 23.24 7.90 25.73
N HIS A 153 23.73 9.03 25.20
CA HIS A 153 22.85 10.03 24.57
C HIS A 153 22.28 9.54 23.23
N SER A 154 23.14 8.93 22.41
CA SER A 154 22.71 8.38 21.11
C SER A 154 21.72 7.21 21.25
N ARG A 155 21.77 6.50 22.37
CA ARG A 155 20.79 5.46 22.69
C ARG A 155 19.42 6.07 23.04
N ALA A 156 19.45 7.18 23.78
CA ALA A 156 18.23 7.95 24.08
C ALA A 156 17.63 8.62 22.84
N MET A 157 18.50 9.05 21.92
CA MET A 157 18.07 9.60 20.62
C MET A 157 17.34 8.57 19.75
N TYR A 158 17.70 7.29 19.88
CA TYR A 158 17.00 6.21 19.17
C TYR A 158 15.58 6.03 19.70
N VAL A 159 15.46 5.82 21.01
CA VAL A 159 14.17 5.50 21.64
C VAL A 159 13.22 6.70 21.65
N TYR A 160 13.75 7.87 21.99
CA TYR A 160 12.99 9.12 22.05
C TYR A 160 13.59 10.18 21.11
N PRO A 161 13.38 10.02 19.79
CA PRO A 161 13.97 10.94 18.81
C PRO A 161 13.24 12.29 18.78
N PRO A 162 13.94 13.36 18.37
CA PRO A 162 13.34 14.68 18.33
C PRO A 162 12.34 14.79 17.19
N ASN A 163 11.05 14.86 17.54
CA ASN A 163 9.99 14.98 16.54
C ASN A 163 9.93 16.44 16.07
N VAL A 164 10.61 16.73 14.97
CA VAL A 164 10.82 18.10 14.49
C VAL A 164 10.41 18.27 13.04
N GLU A 165 10.21 19.53 12.64
CA GLU A 165 9.97 19.89 11.25
C GLU A 165 11.29 19.87 10.48
N SER A 166 11.21 19.90 9.16
CA SER A 166 12.41 19.82 8.30
C SER A 166 13.31 21.06 8.37
N SER A 167 12.70 22.24 8.50
CA SER A 167 13.43 23.51 8.50
C SER A 167 13.13 24.34 9.77
N PRO A 168 14.16 25.03 10.33
CA PRO A 168 13.94 25.90 11.49
C PRO A 168 13.20 27.21 11.19
N GLU A 169 13.32 27.68 9.95
CA GLU A 169 12.62 28.91 9.50
C GLU A 169 11.11 28.78 9.61
N LEU A 170 10.45 29.89 9.98
CA LEU A 170 9.01 29.95 10.17
C LEU A 170 8.35 30.81 9.08
N PRO A 171 7.10 30.51 8.70
CA PRO A 171 6.34 31.43 7.83
C PRO A 171 5.99 32.77 8.50
N LYS A 172 5.40 33.67 7.73
CA LYS A 172 5.06 35.02 8.22
C LYS A 172 3.91 34.96 9.24
N HIS A 173 2.80 34.34 8.83
CA HIS A 173 1.61 34.22 9.70
C HIS A 173 1.84 33.37 10.97
N ILE A 174 2.83 32.47 10.94
CA ILE A 174 3.22 31.69 12.11
C ILE A 174 4.07 32.57 13.05
N TYR A 175 5.05 33.27 12.47
CA TYR A 175 5.94 34.17 13.22
C TYR A 175 5.21 35.39 13.79
N ASN A 176 4.28 35.96 13.01
CA ASN A 176 3.56 37.18 13.42
C ASN A 176 2.58 36.97 14.60
N LYS A 177 2.15 35.74 14.84
CA LYS A 177 1.33 35.41 16.02
C LYS A 177 2.11 35.44 17.35
N LEU A 178 3.44 35.37 17.27
CA LEU A 178 4.30 35.48 18.45
C LEU A 178 4.42 36.93 18.93
N ASP A 179 4.76 37.10 20.20
CA ASP A 179 5.00 38.42 20.79
C ASP A 179 6.42 38.88 20.42
N LYS A 180 6.51 39.73 19.39
CA LYS A 180 7.79 40.20 18.83
C LYS A 180 8.85 39.09 18.65
N GLY A 181 8.41 37.92 18.19
CA GLY A 181 9.27 36.75 18.03
C GLY A 181 9.62 36.04 19.32
N GLN A 182 8.64 35.94 20.24
CA GLN A 182 8.79 35.24 21.51
C GLN A 182 7.51 34.49 21.88
N ILE A 183 7.66 33.37 22.60
CA ILE A 183 6.53 32.54 23.03
C ILE A 183 6.55 32.35 24.55
N ILE A 184 5.37 32.35 25.16
CA ILE A 184 5.22 32.19 26.60
C ILE A 184 5.00 30.69 26.86
N VAL A 185 5.90 30.07 27.62
CA VAL A 185 5.93 28.62 27.82
C VAL A 185 5.98 28.28 29.31
N VAL A 186 5.25 27.23 29.71
CA VAL A 186 5.11 26.82 31.11
C VAL A 186 5.92 25.54 31.36
N ILE A 187 6.94 25.62 32.22
CA ILE A 187 7.78 24.48 32.57
C ILE A 187 7.39 23.98 33.98
N TRP A 188 6.81 22.78 34.04
CA TRP A 188 6.41 22.14 35.31
C TRP A 188 7.57 21.32 35.89
N VAL A 189 7.58 21.18 37.23
CA VAL A 189 8.56 20.36 37.94
C VAL A 189 7.86 19.56 39.04
N ILE A 190 8.16 18.26 39.11
CA ILE A 190 7.62 17.38 40.16
C ILE A 190 8.38 17.63 41.47
N VAL A 191 7.66 17.62 42.59
CA VAL A 191 8.20 18.08 43.88
C VAL A 191 8.72 16.97 44.81
N SER A 192 7.93 15.89 44.95
CA SER A 192 8.15 14.90 46.01
C SER A 192 7.29 13.65 45.74
N PRO A 193 7.44 12.60 46.57
CA PRO A 193 6.42 11.54 46.69
C PRO A 193 4.96 12.03 46.85
N ASN A 194 4.76 13.16 47.54
CA ASN A 194 3.44 13.81 47.60
C ASN A 194 2.94 14.29 46.23
N ASN A 195 3.88 14.65 45.36
CA ASN A 195 3.67 14.88 43.92
C ASN A 195 2.68 16.00 43.53
N ASP A 196 2.49 16.97 44.43
CA ASP A 196 1.65 18.14 44.14
C ASP A 196 2.40 19.06 43.17
N LYS A 197 1.64 19.70 42.28
CA LYS A 197 2.23 20.38 41.12
C LYS A 197 2.54 21.86 41.40
N GLN A 198 3.68 22.31 40.90
CA GLN A 198 4.00 23.74 40.82
C GLN A 198 4.70 24.05 39.49
N LYS A 199 4.44 25.25 38.96
CA LYS A 199 4.87 25.63 37.61
C LYS A 199 5.75 26.87 37.60
N TYR A 200 6.51 27.02 36.51
CA TYR A 200 7.34 28.20 36.27
C TYR A 200 7.07 28.70 34.85
N THR A 201 6.27 29.76 34.74
CA THR A 201 5.91 30.34 33.43
C THR A 201 7.04 31.24 32.91
N LEU A 202 7.60 30.88 31.76
CA LEU A 202 8.70 31.62 31.12
C LEU A 202 8.21 32.41 29.91
N LYS A 203 9.07 33.31 29.43
CA LYS A 203 8.83 34.06 28.19
C LYS A 203 10.18 34.32 27.50
N ILE A 204 10.42 33.62 26.39
CA ILE A 204 11.72 33.65 25.69
C ILE A 204 11.55 33.50 24.17
N ASN A 205 12.65 33.64 23.44
CA ASN A 205 12.65 33.55 21.97
C ASN A 205 12.15 32.20 21.46
N HIS A 206 11.54 32.23 20.28
CA HIS A 206 10.99 31.02 19.65
C HIS A 206 12.08 30.01 19.22
N ASP A 207 13.28 30.52 18.90
CA ASP A 207 14.38 29.67 18.41
C ASP A 207 15.43 29.32 19.48
N CYS A 208 15.02 29.23 20.74
CA CYS A 208 15.91 28.80 21.83
C CYS A 208 16.17 27.30 21.76
N VAL A 209 17.29 26.87 22.33
CA VAL A 209 17.67 25.47 22.40
C VAL A 209 17.17 24.92 23.74
N PRO A 210 16.75 23.63 23.80
CA PRO A 210 16.33 23.00 25.06
C PRO A 210 17.28 23.19 26.26
N GLU A 211 18.58 23.29 26.01
CA GLU A 211 19.57 23.62 27.05
C GLU A 211 19.35 25.03 27.59
N GLN A 212 19.13 25.99 26.68
CA GLN A 212 18.87 27.39 27.05
C GLN A 212 17.51 27.62 27.73
N VAL A 213 16.53 26.78 27.42
CA VAL A 213 15.21 26.83 28.07
C VAL A 213 15.30 26.35 29.52
N ILE A 214 16.15 25.35 29.77
CA ILE A 214 16.41 24.85 31.12
C ILE A 214 17.12 25.91 31.99
N ALA A 215 18.09 26.62 31.39
CA ALA A 215 18.85 27.66 32.08
C ALA A 215 17.99 28.83 32.58
N GLU A 216 16.95 29.17 31.82
CA GLU A 216 15.98 30.21 32.21
C GLU A 216 15.04 29.76 33.33
N ALA A 217 14.69 28.48 33.34
CA ALA A 217 13.79 27.91 34.36
C ALA A 217 14.43 27.86 35.76
N ILE A 218 15.72 27.54 35.83
CA ILE A 218 16.45 27.49 37.11
C ILE A 218 16.64 28.85 37.80
N ARG A 219 16.49 29.95 37.06
CA ARG A 219 16.44 31.29 37.65
C ARG A 219 15.19 31.43 38.50
N LYS A 220 14.05 31.14 37.89
CA LYS A 220 12.74 31.20 38.55
C LYS A 220 12.52 29.93 39.38
N GLY A 241 22.10 22.19 30.96
CA GLY A 241 22.77 20.93 31.30
C GLY A 241 22.13 20.22 32.48
N LYS A 242 22.53 18.96 32.68
CA LYS A 242 22.10 18.12 33.82
C LYS A 242 20.61 17.75 33.84
N TYR A 243 19.88 18.07 32.77
CA TYR A 243 18.42 17.99 32.73
C TYR A 243 17.91 17.88 31.30
N ILE A 244 16.65 17.46 31.15
CA ILE A 244 15.99 17.37 29.83
C ILE A 244 14.51 17.77 29.94
N LEU A 245 13.98 18.30 28.83
CA LEU A 245 12.57 18.71 28.76
C LEU A 245 11.74 17.64 28.07
N LYS A 246 10.61 17.31 28.69
CA LYS A 246 9.67 16.31 28.20
C LYS A 246 8.34 17.01 27.94
N VAL A 247 7.62 16.56 26.91
CA VAL A 247 6.29 17.08 26.61
C VAL A 247 5.30 16.48 27.62
N CYS A 248 4.50 17.34 28.26
CA CYS A 248 3.50 16.89 29.22
C CYS A 248 2.40 16.12 28.50
N GLY A 249 2.13 14.89 28.97
CA GLY A 249 1.13 14.01 28.36
C GLY A 249 1.74 12.89 27.54
N CYS A 250 2.58 13.26 26.58
CA CYS A 250 3.25 12.30 25.69
C CYS A 250 4.50 11.69 26.33
N ASP A 251 5.11 10.76 25.61
CA ASP A 251 6.48 10.33 25.85
C ASP A 251 7.32 10.86 24.69
N GLU A 252 7.59 12.17 24.75
CA GLU A 252 8.28 12.90 23.70
C GLU A 252 9.27 13.87 24.34
N TYR A 253 10.56 13.74 23.98
CA TYR A 253 11.65 14.46 24.63
C TYR A 253 12.44 15.31 23.65
N PHE A 254 12.81 16.53 24.07
CA PHE A 254 13.62 17.44 23.26
C PHE A 254 15.10 17.24 23.59
N LEU A 255 15.67 16.14 23.11
CA LEU A 255 17.06 15.76 23.42
C LEU A 255 18.08 16.49 22.54
N GLU A 256 17.79 16.59 21.25
CA GLU A 256 18.68 17.25 20.28
C GLU A 256 18.61 18.76 20.41
N LYS A 257 19.68 19.44 20.00
CA LYS A 257 19.81 20.91 20.15
C LYS A 257 19.16 21.75 19.04
N TYR A 258 17.95 21.37 18.61
CA TYR A 258 17.21 22.15 17.60
C TYR A 258 16.61 23.41 18.25
N PRO A 259 16.28 24.43 17.43
CA PRO A 259 15.44 25.54 17.87
C PRO A 259 14.09 25.05 18.39
N LEU A 260 13.58 25.69 19.45
CA LEU A 260 12.35 25.24 20.14
C LEU A 260 11.11 25.27 19.24
N SER A 261 11.06 26.24 18.33
CA SER A 261 9.95 26.34 17.36
C SER A 261 9.94 25.21 16.31
N GLN A 262 11.09 24.59 16.06
CA GLN A 262 11.21 23.51 15.08
C GLN A 262 10.52 22.20 15.50
N TYR A 263 10.37 21.99 16.82
CA TYR A 263 9.61 20.84 17.33
C TYR A 263 8.11 20.98 17.02
N LYS A 264 7.49 19.87 16.60
CA LYS A 264 6.10 19.86 16.14
C LYS A 264 5.08 20.26 17.23
N TYR A 265 5.34 19.85 18.47
CA TYR A 265 4.48 20.21 19.60
C TYR A 265 4.43 21.72 19.83
N ILE A 266 5.61 22.36 19.77
CA ILE A 266 5.72 23.81 19.99
C ILE A 266 5.15 24.58 18.80
N ARG A 267 5.42 24.10 17.58
CA ARG A 267 4.87 24.68 16.35
C ARG A 267 3.34 24.60 16.30
N SER A 268 2.78 23.47 16.75
CA SER A 268 1.32 23.29 16.80
C SER A 268 0.65 24.20 17.83
N CYS A 269 1.32 24.39 18.98
CA CYS A 269 0.83 25.30 20.03
C CYS A 269 0.77 26.77 19.59
N ILE A 270 1.70 27.17 18.71
CA ILE A 270 1.71 28.51 18.12
C ILE A 270 0.50 28.72 17.18
N MET A 271 0.20 27.73 16.36
CA MET A 271 -0.95 27.79 15.44
C MET A 271 -2.27 27.70 16.20
N LEU A 272 -2.38 26.71 17.08
CA LEU A 272 -3.57 26.53 17.93
C LEU A 272 -3.80 27.69 18.92
N GLY A 273 -2.71 28.34 19.34
CA GLY A 273 -2.77 29.44 20.29
C GLY A 273 -3.02 28.95 21.70
N ARG A 274 -2.34 27.87 22.08
CA ARG A 274 -2.45 27.27 23.41
C ARG A 274 -1.10 27.37 24.10
N MET A 275 -1.11 27.36 25.43
CA MET A 275 0.12 27.43 26.22
C MET A 275 0.86 26.10 26.11
N PRO A 276 2.12 26.12 25.63
CA PRO A 276 2.90 24.87 25.65
C PRO A 276 3.28 24.48 27.07
N ASN A 277 3.10 23.21 27.41
CA ASN A 277 3.37 22.69 28.76
C ASN A 277 4.46 21.61 28.70
N LEU A 278 5.63 21.94 29.23
CA LEU A 278 6.76 21.02 29.30
C LEU A 278 7.02 20.61 30.75
N MET A 279 7.64 19.45 30.93
CA MET A 279 7.98 18.91 32.25
C MET A 279 9.50 18.82 32.36
N LEU A 280 10.06 19.43 33.41
CA LEU A 280 11.49 19.30 33.69
C LEU A 280 11.76 17.93 34.30
N MET A 281 12.79 17.26 33.81
CA MET A 281 13.14 15.91 34.26
C MET A 281 14.65 15.69 34.17
N ALA A 282 15.18 14.87 35.08
CA ALA A 282 16.62 14.63 35.18
C ALA A 282 17.14 13.80 34.00
N LYS A 283 18.34 14.13 33.53
CA LYS A 283 19.00 13.39 32.45
C LYS A 283 19.38 11.98 32.89
N GLU A 284 19.78 11.84 34.15
CA GLU A 284 20.10 10.53 34.75
C GLU A 284 18.87 9.62 34.90
N SER A 285 17.68 10.22 35.07
CA SER A 285 16.43 9.47 35.21
C SER A 285 16.01 8.74 33.92
N LEU A 286 16.09 9.43 32.79
CA LEU A 286 15.73 8.85 31.48
C LEU A 286 16.76 7.81 31.03
N TYR A 287 18.04 8.16 31.14
CA TYR A 287 19.15 7.30 30.72
C TYR A 287 19.18 5.95 31.43
N SER A 288 18.77 5.93 32.70
CA SER A 288 18.68 4.69 33.48
C SER A 288 17.53 3.77 33.05
N GLN A 289 16.50 4.32 32.41
CA GLN A 289 15.33 3.55 31.97
C GLN A 289 15.68 2.56 30.85
N LEU A 290 16.36 3.06 29.82
CA LEU A 290 16.88 2.20 28.74
C LEU A 290 18.15 1.44 29.21
N PRO A 291 18.54 0.35 28.52
CA PRO A 291 19.77 -0.34 28.91
C PRO A 291 21.03 0.49 28.69
N GLY A 313 31.41 -29.26 -9.79
CA GLY A 313 32.01 -29.06 -11.10
C GLY A 313 32.37 -27.60 -11.34
N GLU A 314 33.45 -27.38 -12.11
CA GLU A 314 33.94 -26.03 -12.39
C GLU A 314 33.10 -25.35 -13.48
N THR A 315 32.92 -24.04 -13.34
CA THR A 315 32.00 -23.26 -14.18
C THR A 315 32.68 -22.77 -15.47
N SER A 316 31.87 -22.54 -16.50
CA SER A 316 32.32 -21.91 -17.75
C SER A 316 31.48 -20.65 -17.99
N THR A 317 31.97 -19.52 -17.47
CA THR A 317 31.26 -18.24 -17.53
C THR A 317 31.46 -17.54 -18.87
N LYS A 318 30.45 -16.79 -19.30
CA LYS A 318 30.46 -16.07 -20.58
C LYS A 318 29.72 -14.73 -20.43
N SER A 319 30.19 -13.70 -21.11
CA SER A 319 29.55 -12.38 -21.07
C SER A 319 28.31 -12.36 -21.97
N LEU A 320 27.34 -11.52 -21.61
CA LEU A 320 26.08 -11.39 -22.35
C LEU A 320 26.27 -10.87 -23.77
N TRP A 321 27.20 -9.92 -23.93
CA TRP A 321 27.45 -9.30 -25.24
C TRP A 321 28.23 -10.18 -26.23
N VAL A 322 28.75 -11.32 -25.75
CA VAL A 322 29.36 -12.34 -26.61
C VAL A 322 28.29 -13.21 -27.32
N ILE A 323 27.14 -13.42 -26.68
CA ILE A 323 26.07 -14.26 -27.26
C ILE A 323 25.49 -13.57 -28.51
N ASN A 324 25.79 -14.14 -29.68
CA ASN A 324 25.27 -13.64 -30.96
C ASN A 324 24.04 -14.45 -31.33
N SER A 325 22.89 -14.07 -30.76
CA SER A 325 21.63 -14.77 -31.00
C SER A 325 20.43 -13.92 -30.59
N ALA A 326 19.29 -14.14 -31.24
CA ALA A 326 18.02 -13.53 -30.86
C ALA A 326 17.42 -14.27 -29.67
N LEU A 327 16.63 -13.56 -28.87
CA LEU A 327 15.96 -14.15 -27.71
C LEU A 327 14.81 -15.04 -28.18
N ARG A 328 14.70 -16.23 -27.58
CA ARG A 328 13.56 -17.11 -27.79
C ARG A 328 13.26 -17.93 -26.54
N ILE A 329 11.97 -18.08 -26.22
CA ILE A 329 11.52 -18.75 -25.00
C ILE A 329 10.42 -19.74 -25.39
N LYS A 330 10.67 -21.02 -25.13
CA LYS A 330 9.71 -22.08 -25.46
C LYS A 330 8.66 -22.20 -24.35
N ILE A 331 7.38 -22.13 -24.74
CA ILE A 331 6.26 -22.39 -23.83
C ILE A 331 5.86 -23.85 -24.03
N LEU A 332 6.12 -24.68 -23.02
CA LEU A 332 5.84 -26.12 -23.10
C LEU A 332 4.36 -26.40 -22.89
N CYS A 333 3.88 -26.23 -21.66
CA CYS A 333 2.51 -26.61 -21.31
C CYS A 333 2.09 -26.07 -19.94
N ALA A 334 0.79 -25.82 -19.80
CA ALA A 334 0.20 -25.42 -18.51
C ALA A 334 -0.58 -26.61 -17.97
N THR A 335 -0.45 -26.86 -16.66
CA THR A 335 -1.02 -28.07 -16.05
C THR A 335 -2.54 -28.06 -16.13
N TYR A 336 -3.14 -27.01 -15.59
CA TYR A 336 -4.59 -26.81 -15.63
C TYR A 336 -4.94 -25.33 -15.52
N VAL A 337 -6.20 -25.03 -15.76
CA VAL A 337 -6.74 -23.68 -15.52
C VAL A 337 -8.26 -23.76 -15.34
N ASN A 338 -8.78 -22.99 -14.39
CA ASN A 338 -10.20 -23.07 -14.01
C ASN A 338 -11.05 -22.32 -15.04
N VAL A 339 -11.36 -23.03 -16.12
CA VAL A 339 -12.15 -22.51 -17.23
C VAL A 339 -13.32 -23.46 -17.49
N ASN A 340 -14.50 -22.88 -17.72
CA ASN A 340 -15.68 -23.64 -18.11
C ASN A 340 -15.54 -24.04 -19.58
N ILE A 341 -15.51 -25.36 -19.84
CA ILE A 341 -15.29 -25.90 -21.19
C ILE A 341 -16.27 -25.43 -22.28
N ARG A 342 -17.50 -25.14 -21.88
CA ARG A 342 -18.55 -24.69 -22.81
C ARG A 342 -18.41 -23.23 -23.24
N ASP A 343 -18.16 -22.34 -22.27
CA ASP A 343 -18.23 -20.89 -22.50
C ASP A 343 -17.05 -20.31 -23.27
N ILE A 344 -15.84 -20.77 -22.94
CA ILE A 344 -14.61 -20.27 -23.57
C ILE A 344 -14.30 -21.05 -24.85
N ASP A 345 -13.90 -20.33 -25.90
CA ASP A 345 -13.63 -20.91 -27.22
C ASP A 345 -12.25 -21.57 -27.27
N LYS A 346 -11.23 -20.77 -26.95
CA LYS A 346 -9.83 -21.22 -26.95
C LYS A 346 -9.06 -20.60 -25.78
N ILE A 347 -7.86 -21.13 -25.53
CA ILE A 347 -6.91 -20.52 -24.59
C ILE A 347 -5.50 -20.48 -25.19
N TYR A 348 -4.74 -19.44 -24.82
CA TYR A 348 -3.37 -19.24 -25.29
C TYR A 348 -2.52 -18.57 -24.23
N VAL A 349 -1.21 -18.52 -24.46
CA VAL A 349 -0.25 -17.90 -23.55
C VAL A 349 0.28 -16.61 -24.16
N ARG A 350 -0.24 -15.47 -23.68
CA ARG A 350 0.28 -14.16 -24.04
C ARG A 350 1.59 -13.93 -23.31
N THR A 351 2.51 -13.23 -23.97
CA THR A 351 3.89 -13.12 -23.52
C THR A 351 4.53 -11.84 -24.05
N GLY A 352 5.48 -11.30 -23.27
CA GLY A 352 6.17 -10.06 -23.65
C GLY A 352 7.42 -9.76 -22.82
N ILE A 353 8.39 -9.11 -23.44
CA ILE A 353 9.63 -8.67 -22.79
C ILE A 353 9.47 -7.22 -22.37
N TYR A 354 9.62 -6.93 -21.07
CA TYR A 354 9.32 -5.62 -20.50
C TYR A 354 10.50 -5.01 -19.72
N HIS A 355 10.71 -3.71 -19.92
CA HIS A 355 11.57 -2.91 -19.06
C HIS A 355 10.67 -1.99 -18.23
N GLY A 356 10.27 -2.46 -17.06
CA GLY A 356 9.28 -1.78 -16.23
C GLY A 356 7.90 -1.97 -16.85
N GLY A 357 7.23 -0.85 -17.12
CA GLY A 357 5.95 -0.87 -17.85
C GLY A 357 6.13 -0.93 -19.36
N GLU A 358 7.24 -0.39 -19.86
CA GLU A 358 7.53 -0.30 -21.30
C GLU A 358 7.90 -1.68 -21.87
N PRO A 359 7.15 -2.16 -22.90
CA PRO A 359 7.62 -3.34 -23.63
C PRO A 359 8.84 -3.05 -24.49
N LEU A 360 9.89 -3.86 -24.36
CA LEU A 360 11.12 -3.70 -25.15
C LEU A 360 10.94 -4.10 -26.62
N CYS A 361 9.94 -4.94 -26.89
CA CYS A 361 9.61 -5.36 -28.26
C CYS A 361 8.16 -5.85 -28.31
N ASP A 362 7.71 -6.23 -29.52
CA ASP A 362 6.34 -6.75 -29.72
C ASP A 362 6.02 -7.93 -28.81
N ASN A 363 4.79 -7.95 -28.29
CA ASN A 363 4.29 -9.07 -27.50
C ASN A 363 4.04 -10.25 -28.43
N VAL A 364 4.47 -11.43 -28.00
CA VAL A 364 4.33 -12.67 -28.79
C VAL A 364 3.34 -13.60 -28.11
N ASN A 365 2.39 -14.12 -28.88
CA ASN A 365 1.42 -15.10 -28.41
C ASN A 365 1.78 -16.49 -28.90
N THR A 366 1.32 -17.50 -28.16
CA THR A 366 1.37 -18.89 -28.61
C THR A 366 0.14 -19.17 -29.50
N GLN A 367 0.12 -20.36 -30.09
CA GLN A 367 -1.03 -20.80 -30.89
C GLN A 367 -2.22 -21.08 -29.97
N ARG A 368 -3.43 -20.92 -30.50
CA ARG A 368 -4.65 -21.10 -29.74
C ARG A 368 -5.02 -22.59 -29.70
N VAL A 369 -5.25 -23.10 -28.48
CA VAL A 369 -5.50 -24.54 -28.25
C VAL A 369 -6.72 -24.73 -27.33
N PRO A 370 -7.30 -25.96 -27.30
CA PRO A 370 -8.47 -26.20 -26.44
C PRO A 370 -8.21 -26.06 -24.93
N CYS A 371 -9.29 -25.82 -24.18
CA CYS A 371 -9.23 -25.66 -22.73
C CYS A 371 -8.91 -26.97 -22.00
N SER A 372 -9.38 -28.09 -22.53
CA SER A 372 -9.18 -29.41 -21.93
C SER A 372 -7.72 -29.87 -21.91
N ASN A 373 -6.99 -29.59 -23.01
CA ASN A 373 -5.57 -29.92 -23.13
C ASN A 373 -4.75 -28.66 -23.42
N PRO A 374 -4.27 -27.97 -22.35
CA PRO A 374 -3.36 -26.84 -22.56
C PRO A 374 -1.93 -27.33 -22.82
N ARG A 375 -1.53 -27.28 -24.10
CA ARG A 375 -0.23 -27.78 -24.54
C ARG A 375 0.20 -27.06 -25.81
N TRP A 376 1.45 -26.61 -25.86
CA TRP A 376 1.94 -25.75 -26.93
C TRP A 376 3.26 -26.24 -27.55
N ASN A 377 4.34 -26.22 -26.76
CA ASN A 377 5.68 -26.65 -27.21
C ASN A 377 6.15 -25.92 -28.48
N GLU A 378 6.31 -24.61 -28.39
CA GLU A 378 6.76 -23.79 -29.53
C GLU A 378 7.71 -22.68 -29.09
N TRP A 379 8.81 -22.51 -29.83
CA TRP A 379 9.74 -21.41 -29.59
C TRP A 379 9.15 -20.09 -30.06
N LEU A 380 8.83 -19.22 -29.11
CA LEU A 380 8.35 -17.87 -29.42
C LEU A 380 9.56 -16.98 -29.73
N ASN A 381 9.58 -16.40 -30.93
CA ASN A 381 10.69 -15.58 -31.39
C ASN A 381 10.40 -14.11 -31.12
N TYR A 382 11.28 -13.45 -30.38
CA TYR A 382 11.15 -12.01 -30.06
C TYR A 382 12.13 -11.22 -30.92
N ASP A 383 11.68 -10.08 -31.46
CA ASP A 383 12.57 -9.20 -32.25
C ASP A 383 13.43 -8.33 -31.33
N ILE A 384 14.43 -8.98 -30.71
CA ILE A 384 15.40 -8.31 -29.84
C ILE A 384 16.66 -9.16 -29.73
N TYR A 385 17.81 -8.48 -29.81
CA TYR A 385 19.12 -9.12 -29.76
C TYR A 385 19.51 -9.29 -28.29
N ILE A 386 19.98 -10.48 -27.92
CA ILE A 386 20.28 -10.81 -26.51
C ILE A 386 21.20 -9.80 -25.80
N PRO A 387 22.25 -9.31 -26.48
CA PRO A 387 23.04 -8.22 -25.91
C PRO A 387 22.27 -6.92 -25.62
N ASP A 388 21.29 -6.57 -26.46
CA ASP A 388 20.45 -5.38 -26.25
C ASP A 388 19.47 -5.46 -25.07
N LEU A 389 19.26 -6.66 -24.49
CA LEU A 389 18.44 -6.82 -23.29
C LEU A 389 19.04 -6.03 -22.12
N PRO A 390 18.29 -5.04 -21.56
CA PRO A 390 18.81 -4.25 -20.44
C PRO A 390 18.85 -5.03 -19.14
N ARG A 391 19.50 -4.46 -18.12
CA ARG A 391 19.73 -5.15 -16.85
C ARG A 391 18.44 -5.55 -16.12
N ALA A 392 17.43 -4.68 -16.17
CA ALA A 392 16.14 -4.93 -15.48
C ALA A 392 15.06 -5.48 -16.41
N ALA A 393 15.45 -6.27 -17.40
CA ALA A 393 14.51 -6.84 -18.37
C ALA A 393 13.76 -8.01 -17.74
N ARG A 394 12.46 -8.09 -18.00
CA ARG A 394 11.58 -9.08 -17.39
C ARG A 394 10.68 -9.75 -18.42
N LEU A 395 10.45 -11.05 -18.24
CA LEU A 395 9.45 -11.79 -18.99
C LEU A 395 8.13 -11.65 -18.24
N CYS A 396 7.13 -11.05 -18.89
CA CYS A 396 5.78 -10.98 -18.36
C CYS A 396 4.87 -11.85 -19.21
N LEU A 397 4.11 -12.74 -18.57
CA LEU A 397 3.24 -13.68 -19.28
C LEU A 397 1.91 -13.92 -18.58
N SER A 398 0.99 -14.53 -19.31
CA SER A 398 -0.34 -14.86 -18.79
C SER A 398 -1.03 -15.88 -19.67
N ILE A 399 -1.86 -16.74 -19.06
CA ILE A 399 -2.76 -17.62 -19.82
C ILE A 399 -4.06 -16.84 -20.02
N CYS A 400 -4.46 -16.69 -21.28
CA CYS A 400 -5.60 -15.84 -21.65
C CYS A 400 -6.71 -16.64 -22.31
N SER A 401 -7.95 -16.37 -21.90
CA SER A 401 -9.16 -16.93 -22.53
C SER A 401 -9.66 -15.98 -23.61
N VAL A 402 -10.28 -16.55 -24.65
CA VAL A 402 -10.86 -15.77 -25.75
C VAL A 402 -12.28 -16.25 -26.07
N LYS A 403 -13.16 -15.31 -26.41
CA LYS A 403 -14.58 -15.58 -26.65
C LYS A 403 -15.07 -14.81 -27.87
N GLY A 407 -19.29 -10.96 -36.51
CA GLY A 407 -18.35 -11.14 -37.62
C GLY A 407 -16.91 -11.00 -37.17
N ALA A 408 -16.35 -12.11 -36.68
CA ALA A 408 -14.95 -12.18 -36.20
C ALA A 408 -14.65 -11.25 -35.02
N LYS A 409 -15.57 -11.22 -34.05
CA LYS A 409 -15.40 -10.44 -32.81
C LYS A 409 -15.15 -11.38 -31.63
N GLU A 410 -14.34 -10.92 -30.67
CA GLU A 410 -13.90 -11.76 -29.55
C GLU A 410 -13.35 -10.93 -28.38
N GLU A 411 -13.65 -11.37 -27.17
CA GLU A 411 -13.21 -10.70 -25.94
C GLU A 411 -12.09 -11.50 -25.27
N HIS A 412 -10.90 -10.89 -25.18
CA HIS A 412 -9.74 -11.51 -24.55
C HIS A 412 -9.71 -11.17 -23.05
N CYS A 413 -9.41 -12.16 -22.21
CA CYS A 413 -9.41 -11.99 -20.75
C CYS A 413 -8.29 -12.77 -20.08
N PRO A 414 -7.65 -12.19 -19.04
CA PRO A 414 -6.60 -12.90 -18.31
C PRO A 414 -7.18 -13.91 -17.30
N LEU A 415 -6.65 -15.13 -17.30
CA LEU A 415 -7.05 -16.16 -16.35
C LEU A 415 -6.09 -16.19 -15.16
N ALA A 416 -4.79 -16.25 -15.47
CA ALA A 416 -3.73 -16.15 -14.47
C ALA A 416 -2.50 -15.49 -15.09
N TRP A 417 -1.65 -14.93 -14.24
CA TRP A 417 -0.48 -14.16 -14.67
C TRP A 417 0.78 -14.48 -13.85
N GLY A 418 1.92 -14.09 -14.40
CA GLY A 418 3.20 -14.25 -13.71
C GLY A 418 4.31 -13.51 -14.45
N ASN A 419 5.29 -13.01 -13.69
CA ASN A 419 6.45 -12.31 -14.24
C ASN A 419 7.74 -12.96 -13.75
N ILE A 420 8.76 -12.95 -14.59
CA ILE A 420 10.09 -13.49 -14.26
C ILE A 420 11.15 -12.46 -14.61
N ASN A 421 12.10 -12.24 -13.71
CA ASN A 421 13.30 -11.45 -14.01
C ASN A 421 14.19 -12.28 -14.92
N LEU A 422 14.53 -11.74 -16.10
CA LEU A 422 15.40 -12.46 -17.05
C LEU A 422 16.81 -12.66 -16.49
N PHE A 423 17.27 -11.71 -15.66
CA PHE A 423 18.52 -11.84 -14.92
C PHE A 423 18.22 -11.95 -13.44
N ASP A 424 18.84 -12.93 -12.77
CA ASP A 424 18.65 -13.14 -11.33
C ASP A 424 19.47 -12.14 -10.49
N TYR A 425 19.40 -12.26 -9.16
CA TYR A 425 20.07 -11.32 -8.25
C TYR A 425 21.61 -11.27 -8.36
N THR A 426 22.22 -12.32 -8.91
CA THR A 426 23.67 -12.35 -9.17
C THR A 426 24.05 -11.98 -10.63
N ASP A 427 23.17 -11.27 -11.33
CA ASP A 427 23.38 -10.83 -12.72
C ASP A 427 23.47 -11.98 -13.76
N THR A 428 22.89 -13.15 -13.43
CA THR A 428 22.98 -14.33 -14.29
C THR A 428 21.70 -14.47 -15.11
N LEU A 429 21.85 -14.57 -16.43
CA LEU A 429 20.71 -14.79 -17.35
C LEU A 429 20.06 -16.12 -17.06
N VAL A 430 18.74 -16.15 -16.95
CA VAL A 430 18.00 -17.40 -16.72
C VAL A 430 18.11 -18.32 -17.95
N SER A 431 18.31 -19.62 -17.67
CA SER A 431 18.54 -20.63 -18.70
C SER A 431 17.88 -21.94 -18.32
N GLY A 432 17.68 -22.80 -19.31
CA GLY A 432 17.10 -24.12 -19.11
C GLY A 432 15.61 -24.10 -18.82
N LYS A 433 15.12 -25.21 -18.29
CA LYS A 433 13.70 -25.40 -18.03
C LYS A 433 13.34 -24.91 -16.63
N MET A 434 12.15 -24.35 -16.48
CA MET A 434 11.61 -23.99 -15.17
C MET A 434 10.09 -23.87 -15.17
N ALA A 435 9.49 -24.11 -14.01
CA ALA A 435 8.05 -24.01 -13.79
C ALA A 435 7.70 -22.67 -13.17
N LEU A 436 6.52 -22.16 -13.51
CA LEU A 436 6.01 -20.90 -12.96
C LEU A 436 4.54 -21.05 -12.57
N ASN A 437 4.27 -21.13 -11.26
CA ASN A 437 2.91 -21.16 -10.74
C ASN A 437 2.33 -19.75 -10.79
N LEU A 438 1.25 -19.58 -11.56
CA LEU A 438 0.72 -18.25 -11.86
C LEU A 438 -0.21 -17.73 -10.76
N TRP A 439 -0.26 -16.40 -10.64
CA TRP A 439 -1.05 -15.73 -9.60
C TRP A 439 -2.47 -15.47 -10.09
N PRO A 440 -3.44 -15.39 -9.15
CA PRO A 440 -4.77 -14.88 -9.50
C PRO A 440 -4.74 -13.44 -10.01
N VAL A 441 -5.65 -13.12 -10.94
CA VAL A 441 -5.74 -11.76 -11.49
C VAL A 441 -6.37 -10.86 -10.42
N PRO A 442 -5.80 -9.64 -10.21
CA PRO A 442 -6.41 -8.75 -9.21
C PRO A 442 -7.77 -8.21 -9.63
N HIS A 443 -8.53 -7.72 -8.66
CA HIS A 443 -9.89 -7.22 -8.90
C HIS A 443 -9.87 -5.98 -9.81
N GLY A 444 -10.50 -6.09 -10.97
CA GLY A 444 -10.65 -4.97 -11.90
C GLY A 444 -9.56 -4.81 -12.96
N LEU A 445 -8.54 -5.68 -12.95
CA LEU A 445 -7.48 -5.62 -13.95
C LEU A 445 -7.94 -6.26 -15.25
N GLU A 446 -8.20 -5.42 -16.25
CA GLU A 446 -8.67 -5.87 -17.57
C GLU A 446 -7.55 -6.02 -18.61
N ASP A 447 -6.32 -5.61 -18.26
CA ASP A 447 -5.15 -5.81 -19.13
C ASP A 447 -4.81 -7.30 -19.20
N LEU A 448 -4.30 -7.73 -20.36
CA LEU A 448 -4.01 -9.15 -20.58
C LEU A 448 -2.73 -9.59 -19.87
N LEU A 449 -1.73 -8.70 -19.81
CA LEU A 449 -0.55 -8.90 -18.97
C LEU A 449 -0.62 -8.02 -17.73
N ASN A 450 0.30 -8.25 -16.78
CA ASN A 450 0.41 -7.44 -15.58
C ASN A 450 1.90 -7.14 -15.31
N PRO A 451 2.47 -6.16 -16.05
CA PRO A 451 3.88 -5.78 -15.85
C PRO A 451 4.21 -5.21 -14.47
N ILE A 452 3.27 -4.49 -13.86
CA ILE A 452 3.51 -3.82 -12.58
C ILE A 452 3.58 -4.83 -11.41
N GLY A 453 2.92 -5.98 -11.55
CA GLY A 453 2.90 -7.02 -10.52
C GLY A 453 4.26 -7.61 -10.20
N VAL A 454 4.37 -8.25 -9.03
CA VAL A 454 5.64 -8.79 -8.53
C VAL A 454 6.13 -9.99 -9.34
N THR A 455 7.44 -10.15 -9.42
CA THR A 455 8.06 -11.29 -10.08
C THR A 455 8.21 -12.47 -9.12
N GLY A 456 8.39 -13.65 -9.69
CA GLY A 456 8.59 -14.89 -8.93
C GLY A 456 7.38 -15.80 -8.93
N SER A 457 7.60 -17.06 -8.59
CA SER A 457 6.54 -18.07 -8.57
C SER A 457 5.59 -17.88 -7.39
N ASN A 458 4.35 -18.33 -7.57
CA ASN A 458 3.36 -18.37 -6.49
C ASN A 458 3.77 -19.50 -5.54
N PRO A 459 3.90 -19.22 -4.22
CA PRO A 459 4.18 -20.31 -3.27
C PRO A 459 3.08 -21.36 -3.19
N ASN A 460 1.82 -20.94 -3.39
CA ASN A 460 0.69 -21.86 -3.51
C ASN A 460 0.86 -22.70 -4.78
N LYS A 461 1.07 -24.00 -4.60
CA LYS A 461 1.33 -24.93 -5.72
C LYS A 461 0.05 -25.55 -6.30
N GLU A 462 -1.00 -25.64 -5.49
CA GLU A 462 -2.34 -25.99 -5.97
C GLU A 462 -2.86 -24.80 -6.81
N THR A 463 -2.37 -24.73 -8.04
CA THR A 463 -2.38 -23.49 -8.84
C THR A 463 -2.01 -23.80 -10.30
N PRO A 464 -2.56 -23.03 -11.27
CA PRO A 464 -2.11 -23.14 -12.67
C PRO A 464 -0.59 -22.98 -12.82
N CYS A 465 0.06 -24.00 -13.37
CA CYS A 465 1.53 -24.05 -13.46
C CYS A 465 2.01 -24.12 -14.91
N LEU A 466 2.38 -22.95 -15.44
CA LEU A 466 2.91 -22.85 -16.80
C LEU A 466 4.38 -23.29 -16.80
N GLU A 467 4.69 -24.31 -17.61
CA GLU A 467 6.06 -24.78 -17.78
C GLU A 467 6.68 -24.18 -19.04
N LEU A 468 7.88 -23.63 -18.91
CA LEU A 468 8.59 -23.00 -20.03
C LEU A 468 10.09 -23.31 -20.00
N GLU A 469 10.75 -23.08 -21.14
CA GLU A 469 12.16 -23.45 -21.34
C GLU A 469 12.96 -22.33 -22.03
N PHE A 470 13.96 -21.82 -21.33
CA PHE A 470 14.89 -20.82 -21.88
C PHE A 470 16.07 -21.52 -22.55
N ASP A 471 16.81 -20.78 -23.38
CA ASP A 471 18.00 -21.31 -24.06
C ASP A 471 19.13 -21.62 -23.08
N TRP A 472 20.03 -22.49 -23.52
CA TRP A 472 21.21 -22.89 -22.76
C TRP A 472 22.43 -22.79 -23.68
N PHE A 473 23.36 -21.90 -23.35
CA PHE A 473 24.57 -21.66 -24.15
C PHE A 473 25.80 -22.25 -23.46
N SER A 474 26.01 -21.82 -22.22
CA SER A 474 27.02 -22.39 -21.32
C SER A 474 26.37 -22.58 -19.95
N SER A 475 27.15 -22.95 -18.95
CA SER A 475 26.66 -23.11 -17.58
C SER A 475 26.15 -21.78 -17.00
N VAL A 476 26.90 -20.70 -17.24
CA VAL A 476 26.58 -19.36 -16.72
C VAL A 476 26.77 -18.30 -17.81
N VAL A 477 25.82 -17.35 -17.88
CA VAL A 477 25.90 -16.20 -18.80
C VAL A 477 25.65 -14.91 -17.99
N LYS A 478 26.69 -14.11 -17.82
CA LYS A 478 26.66 -12.93 -16.93
C LYS A 478 26.42 -11.61 -17.66
N PHE A 479 25.77 -10.67 -16.97
CA PHE A 479 25.66 -9.28 -17.43
C PHE A 479 26.98 -8.59 -17.10
N PRO A 480 27.53 -7.79 -18.05
CA PRO A 480 28.88 -7.25 -17.86
C PRO A 480 29.05 -6.25 -16.71
N ASP A 481 30.28 -6.07 -16.25
CA ASP A 481 30.61 -5.09 -15.20
C ASP A 481 30.54 -3.67 -15.76
N MET A 482 30.54 -2.71 -14.83
CA MET A 482 30.48 -1.28 -15.17
C MET A 482 31.70 -0.80 -15.97
N SER A 483 32.86 -1.40 -15.70
CA SER A 483 34.09 -1.11 -16.45
C SER A 483 34.00 -1.50 -17.93
N VAL A 484 33.35 -2.63 -18.21
CA VAL A 484 33.13 -3.09 -19.60
C VAL A 484 32.08 -2.21 -20.29
N ILE A 485 31.08 -1.75 -19.54
CA ILE A 485 30.02 -0.86 -20.05
C ILE A 485 30.59 0.52 -20.43
N GLU A 486 31.53 1.03 -19.62
CA GLU A 486 32.22 2.29 -19.92
C GLU A 486 32.99 2.25 -21.25
N GLU A 487 33.64 1.12 -21.53
CA GLU A 487 34.38 0.93 -22.78
C GLU A 487 33.48 0.95 -24.02
N HIS A 488 32.34 0.27 -23.93
CA HIS A 488 31.35 0.25 -25.01
C HIS A 488 30.65 1.61 -25.20
N ALA A 489 30.51 2.37 -24.10
CA ALA A 489 29.95 3.73 -24.16
C ALA A 489 30.88 4.69 -24.93
N ASN A 490 32.17 4.63 -24.62
CA ASN A 490 33.18 5.42 -25.33
C ASN A 490 33.35 4.95 -26.78
N TRP A 491 33.24 3.64 -27.00
CA TRP A 491 33.29 3.05 -28.34
C TRP A 491 32.09 3.45 -29.21
N SER A 492 30.90 3.55 -28.60
CA SER A 492 29.68 3.89 -29.32
C SER A 492 29.64 5.35 -29.78
N VAL A 493 29.99 6.28 -28.89
CA VAL A 493 30.02 7.70 -29.21
C VAL A 493 31.15 8.08 -30.18
N SER A 494 32.23 7.29 -30.20
CA SER A 494 33.33 7.48 -31.15
C SER A 494 32.91 7.24 -32.61
N ARG A 495 32.14 6.18 -32.84
CA ARG A 495 31.60 5.86 -34.17
C ARG A 495 30.48 6.80 -34.63
N GLU A 496 29.81 7.46 -33.67
CA GLU A 496 28.76 8.43 -33.97
C GLU A 496 29.34 9.69 -34.62
N ALA A 497 29.02 9.90 -35.90
CA ALA A 497 29.48 11.06 -36.68
C ALA A 497 31.01 11.15 -36.78
N GLU A 515 27.49 23.74 -29.00
CA GLU A 515 27.15 24.97 -28.32
C GLU A 515 25.65 25.01 -28.01
N LEU A 516 25.30 25.14 -26.73
CA LEU A 516 23.90 25.15 -26.29
C LEU A 516 23.25 26.51 -26.58
N ARG A 517 22.37 26.55 -27.58
CA ARG A 517 21.73 27.79 -28.05
C ARG A 517 20.55 28.22 -27.16
N GLU A 518 20.11 29.46 -27.34
CA GLU A 518 19.05 30.06 -26.50
C GLU A 518 17.67 29.42 -26.72
N ASN A 519 17.31 29.18 -27.98
CA ASN A 519 16.07 28.50 -28.33
C ASN A 519 16.04 27.07 -27.77
N ASP A 520 17.18 26.40 -27.80
CA ASP A 520 17.32 25.04 -27.26
C ASP A 520 17.33 25.00 -25.73
N LYS A 521 17.92 26.02 -25.10
CA LYS A 521 18.00 26.10 -23.63
C LYS A 521 16.62 26.31 -22.98
N GLU A 522 15.77 27.10 -23.63
CA GLU A 522 14.40 27.32 -23.16
C GLU A 522 13.47 26.11 -23.38
N GLN A 523 13.81 25.25 -24.35
CA GLN A 523 13.05 24.00 -24.57
C GLN A 523 13.28 22.98 -23.45
N LEU A 524 14.49 22.93 -22.91
CA LEU A 524 14.82 22.04 -21.78
C LEU A 524 14.04 22.40 -20.50
N LYS A 525 13.80 23.70 -20.29
CA LYS A 525 12.92 24.16 -19.20
C LYS A 525 11.44 23.86 -19.47
N ALA A 526 11.02 23.95 -20.73
CA ALA A 526 9.65 23.61 -21.14
C ALA A 526 9.35 22.11 -21.00
N ILE A 527 10.32 21.26 -21.33
CA ILE A 527 10.16 19.80 -21.21
C ILE A 527 10.23 19.35 -19.74
N SER A 528 11.11 19.96 -18.95
CA SER A 528 11.24 19.63 -17.52
C SER A 528 10.01 19.98 -16.68
N THR A 529 9.24 20.98 -17.13
CA THR A 529 8.00 21.38 -16.45
C THR A 529 6.79 20.45 -16.71
N ARG A 530 6.90 19.52 -17.66
CA ARG A 530 5.89 18.46 -17.84
C ARG A 530 5.83 17.57 -16.59
N ASP A 531 4.62 17.16 -16.22
CA ASP A 531 4.43 16.24 -15.08
C ASP A 531 4.88 14.81 -15.45
N PRO A 532 5.13 13.93 -14.45
CA PRO A 532 5.58 12.56 -14.70
C PRO A 532 4.82 11.76 -15.77
N LEU A 533 3.49 11.86 -15.76
CA LEU A 533 2.64 11.11 -16.71
C LEU A 533 2.29 11.87 -17.99
N SER A 534 2.77 13.11 -18.13
CA SER A 534 2.68 13.84 -19.39
C SER A 534 3.70 13.24 -20.36
N GLU A 535 3.21 12.50 -21.35
CA GLU A 535 4.05 11.72 -22.26
C GLU A 535 4.87 12.65 -23.17
N ILE A 536 6.19 12.46 -23.17
CA ILE A 536 7.08 13.21 -24.07
C ILE A 536 6.96 12.69 -25.51
N THR A 537 7.10 13.60 -26.48
CA THR A 537 6.96 13.27 -27.90
C THR A 537 8.26 12.74 -28.48
N GLU A 538 8.17 12.17 -29.68
CA GLU A 538 9.35 11.61 -30.36
C GLU A 538 10.37 12.68 -30.81
N GLN A 539 9.90 13.90 -31.04
CA GLN A 539 10.78 15.05 -31.27
C GLN A 539 11.53 15.40 -29.97
N GLU A 540 10.78 15.47 -28.88
CA GLU A 540 11.34 15.73 -27.54
C GLU A 540 12.29 14.62 -27.07
N LYS A 541 11.99 13.37 -27.44
CA LYS A 541 12.90 12.23 -27.15
C LYS A 541 14.21 12.36 -27.92
N ASP A 542 14.12 12.65 -29.21
CA ASP A 542 15.31 12.89 -30.05
C ASP A 542 16.09 14.12 -29.59
N PHE A 543 15.38 15.17 -29.19
CA PHE A 543 15.99 16.41 -28.69
C PHE A 543 16.72 16.20 -27.37
N LEU A 544 16.07 15.56 -26.41
CA LEU A 544 16.66 15.25 -25.11
C LEU A 544 17.91 14.38 -25.22
N TRP A 545 17.85 13.39 -26.11
CA TRP A 545 18.99 12.49 -26.35
C TRP A 545 20.15 13.22 -27.03
N SER A 546 19.83 14.02 -28.05
CA SER A 546 20.84 14.83 -28.76
C SER A 546 21.61 15.76 -27.82
N HIS A 547 20.91 16.33 -26.84
CA HIS A 547 21.52 17.21 -25.84
C HIS A 547 21.63 16.54 -24.46
N ARG A 548 21.91 15.24 -24.43
CA ARG A 548 22.03 14.48 -23.17
C ARG A 548 23.22 14.93 -22.30
N HIS A 549 24.29 15.39 -22.95
CA HIS A 549 25.46 15.93 -22.24
C HIS A 549 25.17 17.30 -21.64
N TYR A 550 24.35 18.10 -22.32
CA TYR A 550 23.92 19.42 -21.82
C TYR A 550 22.81 19.35 -20.75
N CYS A 551 22.16 18.19 -20.61
CA CYS A 551 21.11 17.99 -19.59
C CYS A 551 21.61 18.01 -18.14
N VAL A 552 22.91 17.77 -17.93
CA VAL A 552 23.50 17.80 -16.57
C VAL A 552 23.37 19.16 -15.86
N THR A 553 23.32 20.25 -16.64
CA THR A 553 23.12 21.61 -16.09
C THR A 553 21.72 21.84 -15.50
N ILE A 554 20.74 21.04 -15.93
CA ILE A 554 19.36 21.10 -15.40
C ILE A 554 18.98 19.69 -14.92
N PRO A 555 19.56 19.24 -13.78
CA PRO A 555 19.48 17.84 -13.35
C PRO A 555 18.08 17.27 -13.02
N GLU A 556 17.11 18.15 -12.77
CA GLU A 556 15.70 17.75 -12.60
C GLU A 556 15.04 17.15 -13.86
N ILE A 557 15.68 17.32 -15.03
CA ILE A 557 15.20 16.74 -16.29
C ILE A 557 15.49 15.23 -16.44
N LEU A 558 16.31 14.66 -15.55
CA LEU A 558 16.71 13.24 -15.61
C LEU A 558 15.61 12.22 -15.93
N PRO A 559 14.43 12.31 -15.26
CA PRO A 559 13.34 11.38 -15.60
C PRO A 559 12.83 11.48 -17.04
N LYS A 560 12.82 12.69 -17.62
CA LYS A 560 12.49 12.87 -19.03
C LYS A 560 13.56 12.30 -19.96
N LEU A 561 14.83 12.50 -19.59
CA LEU A 561 15.97 11.96 -20.34
C LEU A 561 16.00 10.43 -20.33
N LEU A 562 15.69 9.84 -19.18
CA LEU A 562 15.65 8.37 -19.04
C LEU A 562 14.59 7.70 -19.92
N LEU A 563 13.43 8.35 -20.07
CA LEU A 563 12.38 7.86 -20.96
C LEU A 563 12.70 8.03 -22.46
N SER A 564 13.62 8.94 -22.77
CA SER A 564 14.11 9.14 -24.15
C SER A 564 15.17 8.12 -24.60
N VAL A 565 15.73 7.36 -23.66
CA VAL A 565 16.73 6.33 -23.97
C VAL A 565 16.04 5.12 -24.62
N LYS A 566 16.66 4.60 -25.68
CA LYS A 566 16.32 3.25 -26.18
C LYS A 566 16.89 2.24 -25.19
N TRP A 567 16.04 1.70 -24.33
CA TRP A 567 16.43 0.66 -23.38
C TRP A 567 16.63 -0.72 -24.03
N ASN A 568 16.12 -0.89 -25.25
CA ASN A 568 16.41 -2.07 -26.08
C ASN A 568 17.59 -1.81 -27.04
N SER A 569 18.67 -1.29 -26.47
CA SER A 569 19.86 -0.90 -27.24
C SER A 569 21.01 -0.64 -26.26
N ARG A 570 21.92 -1.60 -26.14
CA ARG A 570 23.05 -1.50 -25.21
C ARG A 570 23.96 -0.29 -25.48
N ASP A 571 24.00 0.18 -26.73
CA ASP A 571 24.72 1.40 -27.09
C ASP A 571 24.23 2.59 -26.27
N GLU A 572 22.94 2.88 -26.37
CA GLU A 572 22.35 4.03 -25.69
C GLU A 572 22.23 3.85 -24.17
N VAL A 573 22.03 2.61 -23.72
CA VAL A 573 21.99 2.30 -22.27
C VAL A 573 23.37 2.52 -21.64
N ALA A 574 24.41 2.05 -22.32
CA ALA A 574 25.80 2.21 -21.84
C ALA A 574 26.19 3.68 -21.69
N GLN A 575 25.79 4.51 -22.65
CA GLN A 575 26.04 5.95 -22.61
C GLN A 575 25.25 6.66 -21.50
N MET A 576 24.05 6.16 -21.21
CA MET A 576 23.23 6.68 -20.10
C MET A 576 23.81 6.31 -18.75
N TYR A 577 24.27 5.07 -18.61
CA TYR A 577 24.97 4.60 -17.39
C TYR A 577 26.13 5.51 -16.98
N CYS A 578 26.91 5.98 -17.96
CA CYS A 578 28.03 6.89 -17.72
C CYS A 578 27.58 8.29 -17.29
N LEU A 579 26.46 8.77 -17.82
CA LEU A 579 25.85 10.04 -17.37
C LEU A 579 25.30 9.95 -15.95
N VAL A 580 24.62 8.84 -15.64
CA VAL A 580 24.03 8.61 -14.31
C VAL A 580 25.11 8.51 -13.23
N LYS A 581 26.28 7.96 -13.59
CA LYS A 581 27.40 7.79 -12.65
C LYS A 581 27.92 9.10 -12.06
N ASP A 582 27.96 10.16 -12.88
CA ASP A 582 28.33 11.51 -12.43
C ASP A 582 27.20 12.51 -12.72
N TRP A 583 26.00 12.18 -12.25
CA TRP A 583 24.83 13.06 -12.35
C TRP A 583 24.70 13.87 -11.06
N PRO A 584 24.42 15.20 -11.16
CA PRO A 584 24.26 15.99 -9.93
C PRO A 584 23.03 15.56 -9.11
N PRO A 585 23.17 15.46 -7.78
CA PRO A 585 22.05 14.99 -6.98
C PRO A 585 20.89 16.01 -6.94
N ILE A 586 19.68 15.50 -6.72
CA ILE A 586 18.44 16.28 -6.78
C ILE A 586 17.63 16.12 -5.49
N LYS A 587 16.61 16.95 -5.33
CA LYS A 587 15.81 17.00 -4.10
C LYS A 587 15.05 15.67 -3.91
N PRO A 588 14.93 15.15 -2.66
CA PRO A 588 14.32 13.83 -2.45
C PRO A 588 12.94 13.63 -3.07
N GLU A 589 12.11 14.66 -3.03
CA GLU A 589 10.77 14.60 -3.62
C GLU A 589 10.77 14.38 -5.15
N GLN A 590 11.80 14.89 -5.83
CA GLN A 590 12.02 14.59 -7.25
C GLN A 590 12.59 13.19 -7.46
N ALA A 591 13.53 12.78 -6.58
CA ALA A 591 14.15 11.45 -6.66
C ALA A 591 13.20 10.29 -6.40
N MET A 592 12.11 10.54 -5.66
CA MET A 592 11.06 9.54 -5.43
C MET A 592 10.31 9.13 -6.72
N GLU A 593 10.34 9.98 -7.74
CA GLU A 593 9.83 9.62 -9.08
C GLU A 593 10.59 8.43 -9.70
N LEU A 594 11.90 8.38 -9.47
CA LEU A 594 12.75 7.32 -10.03
C LEU A 594 12.71 5.98 -9.27
N LEU A 595 11.86 5.89 -8.24
CA LEU A 595 11.62 4.64 -7.52
C LEU A 595 10.33 3.91 -7.94
N ASP A 596 9.52 4.50 -8.83
CA ASP A 596 8.27 3.86 -9.27
C ASP A 596 8.52 2.74 -10.30
N CYS A 597 7.45 2.10 -10.75
CA CYS A 597 7.55 0.95 -11.67
C CYS A 597 8.08 1.24 -13.09
N ASN A 598 8.15 2.52 -13.48
CA ASN A 598 8.72 2.92 -14.78
C ASN A 598 10.22 3.26 -14.75
N TYR A 599 10.91 2.97 -13.64
CA TYR A 599 12.36 3.17 -13.53
C TYR A 599 13.01 1.99 -12.80
N PRO A 600 13.03 0.80 -13.45
CA PRO A 600 13.49 -0.43 -12.82
C PRO A 600 15.01 -0.68 -12.88
N ASP A 601 15.75 0.15 -13.62
CA ASP A 601 17.19 -0.06 -13.81
C ASP A 601 17.95 0.15 -12.49
N PRO A 602 18.82 -0.80 -12.09
CA PRO A 602 19.56 -0.70 -10.81
C PRO A 602 20.36 0.59 -10.58
N MET A 603 20.95 1.15 -11.65
CA MET A 603 21.74 2.39 -11.55
C MET A 603 20.85 3.59 -11.28
N VAL A 604 19.71 3.65 -11.99
CA VAL A 604 18.75 4.76 -11.85
C VAL A 604 18.14 4.76 -10.44
N ARG A 605 17.78 3.58 -9.95
CA ARG A 605 17.29 3.41 -8.58
C ARG A 605 18.37 3.69 -7.54
N GLY A 606 19.60 3.26 -7.82
CA GLY A 606 20.74 3.51 -6.94
C GLY A 606 21.03 4.99 -6.75
N PHE A 607 20.99 5.73 -7.85
CA PHE A 607 21.08 7.21 -7.80
C PHE A 607 19.98 7.80 -6.92
N ALA A 608 18.76 7.34 -7.11
CA ALA A 608 17.60 7.84 -6.36
C ALA A 608 17.74 7.64 -4.86
N VAL A 609 18.25 6.47 -4.47
CA VAL A 609 18.44 6.13 -3.05
C VAL A 609 19.53 7.02 -2.41
N ARG A 610 20.63 7.26 -3.13
CA ARG A 610 21.71 8.13 -2.64
C ARG A 610 21.31 9.61 -2.48
N CYS A 611 20.31 10.06 -3.26
CA CYS A 611 19.71 11.39 -3.04
C CYS A 611 18.93 11.44 -1.72
N LEU A 612 18.24 10.35 -1.38
CA LEU A 612 17.53 10.23 -0.10
C LEU A 612 18.50 10.16 1.08
N GLU A 613 19.60 9.42 0.90
CA GLU A 613 20.66 9.32 1.93
C GLU A 613 21.25 10.70 2.28
N LYS A 614 21.40 11.56 1.28
CA LYS A 614 22.01 12.87 1.45
C LYS A 614 21.04 13.93 2.00
N TYR A 615 19.84 14.00 1.42
CA TYR A 615 18.92 15.14 1.68
C TYR A 615 17.56 14.84 2.33
N LEU A 616 17.17 13.57 2.44
CA LEU A 616 15.87 13.24 3.04
C LEU A 616 15.93 13.29 4.56
N THR A 617 15.26 14.27 5.16
CA THR A 617 15.17 14.41 6.61
C THR A 617 14.24 13.36 7.20
N ASP A 618 14.42 13.07 8.49
CA ASP A 618 13.59 12.07 9.19
C ASP A 618 12.11 12.49 9.34
N ASP A 619 11.85 13.80 9.23
CA ASP A 619 10.49 14.32 9.10
C ASP A 619 9.84 13.86 7.80
N LYS A 620 10.53 14.14 6.69
CA LYS A 620 10.03 13.76 5.36
C LYS A 620 10.05 12.24 5.11
N LEU A 621 10.97 11.53 5.75
CA LEU A 621 10.99 10.07 5.66
C LEU A 621 9.75 9.49 6.32
N SER A 622 9.44 9.96 7.53
CA SER A 622 8.19 9.58 8.21
C SER A 622 6.95 10.02 7.44
N GLN A 623 7.01 11.21 6.85
CA GLN A 623 5.92 11.75 6.02
C GLN A 623 5.61 10.85 4.82
N TYR A 624 6.66 10.47 4.08
CA TYR A 624 6.53 9.68 2.85
C TYR A 624 6.74 8.16 3.03
N LEU A 625 6.73 7.66 4.27
CA LEU A 625 7.09 6.27 4.56
C LEU A 625 6.16 5.24 3.89
N ILE A 626 4.87 5.58 3.78
CA ILE A 626 3.87 4.67 3.19
C ILE A 626 4.24 4.32 1.75
N GLN A 627 4.67 5.32 0.97
CA GLN A 627 5.01 5.14 -0.44
C GLN A 627 6.34 4.39 -0.62
N LEU A 628 7.30 4.63 0.27
CA LEU A 628 8.62 4.00 0.21
C LEU A 628 8.58 2.50 0.52
N VAL A 629 7.69 2.09 1.44
CA VAL A 629 7.48 0.68 1.76
C VAL A 629 6.82 -0.06 0.59
N GLN A 630 5.81 0.57 0.00
CA GLN A 630 5.11 -0.01 -1.16
C GLN A 630 5.98 -0.11 -2.42
N VAL A 631 6.96 0.79 -2.54
CA VAL A 631 7.91 0.77 -3.66
C VAL A 631 8.83 -0.46 -3.67
N LEU A 632 9.01 -1.10 -2.51
CA LEU A 632 9.78 -2.35 -2.41
C LEU A 632 9.17 -3.49 -3.24
N LYS A 633 7.87 -3.39 -3.56
CA LYS A 633 7.19 -4.36 -4.43
C LYS A 633 7.68 -4.32 -5.88
N TYR A 634 8.10 -3.14 -6.34
CA TYR A 634 8.62 -2.97 -7.70
C TYR A 634 10.06 -3.44 -7.86
N GLU A 635 10.80 -3.54 -6.75
CA GLU A 635 12.19 -4.00 -6.77
C GLU A 635 12.28 -5.44 -7.27
N GLN A 636 13.25 -5.71 -8.14
CA GLN A 636 13.42 -7.04 -8.72
C GLN A 636 13.89 -8.07 -7.70
N TYR A 637 14.80 -7.64 -6.81
CA TYR A 637 15.52 -8.54 -5.91
C TYR A 637 15.30 -8.16 -4.46
N LEU A 638 15.42 -9.15 -3.58
CA LEU A 638 15.20 -8.96 -2.14
C LEU A 638 16.26 -8.05 -1.53
N ASP A 639 17.51 -8.26 -1.91
CA ASP A 639 18.61 -7.38 -1.51
C ASP A 639 18.73 -6.22 -2.52
N ASN A 640 18.67 -5.01 -2.00
CA ASN A 640 18.79 -3.79 -2.82
C ASN A 640 19.15 -2.59 -1.94
N LEU A 641 19.48 -1.46 -2.58
CA LEU A 641 19.93 -0.27 -1.85
C LEU A 641 18.83 0.40 -1.02
N LEU A 642 17.59 0.36 -1.51
CA LEU A 642 16.47 1.02 -0.83
C LEU A 642 16.08 0.32 0.47
N VAL A 643 15.98 -1.01 0.44
CA VAL A 643 15.65 -1.77 1.65
C VAL A 643 16.73 -1.63 2.73
N ARG A 644 18.00 -1.57 2.30
CA ARG A 644 19.12 -1.29 3.21
C ARG A 644 19.03 0.12 3.82
N PHE A 645 18.64 1.09 2.99
CA PHE A 645 18.44 2.48 3.45
C PHE A 645 17.30 2.63 4.45
N LEU A 646 16.16 2.01 4.15
CA LEU A 646 14.99 2.06 5.02
C LEU A 646 15.23 1.33 6.34
N LEU A 647 15.79 0.13 6.27
CA LEU A 647 16.08 -0.70 7.45
C LEU A 647 17.04 0.01 8.42
N LYS A 648 18.06 0.67 7.88
CA LYS A 648 19.03 1.41 8.69
C LYS A 648 18.37 2.58 9.43
N LYS A 649 17.54 3.35 8.70
CA LYS A 649 16.77 4.44 9.31
C LYS A 649 15.74 3.93 10.33
N ALA A 650 15.15 2.76 10.05
CA ALA A 650 14.20 2.12 10.98
C ALA A 650 14.87 1.71 12.30
N LEU A 651 16.13 1.28 12.21
CA LEU A 651 16.89 0.84 13.39
C LEU A 651 17.64 1.97 14.12
N THR A 652 17.85 3.11 13.45
CA THR A 652 18.44 4.29 14.10
C THR A 652 17.39 5.34 14.54
N ASN A 653 16.11 5.10 14.26
CA ASN A 653 15.01 5.98 14.68
C ASN A 653 13.77 5.14 14.99
N GLN A 654 13.35 5.14 16.25
CA GLN A 654 12.24 4.28 16.71
C GLN A 654 10.86 4.76 16.26
N ARG A 655 10.74 6.05 15.93
CA ARG A 655 9.50 6.59 15.34
C ARG A 655 9.29 6.02 13.94
N ILE A 656 10.37 6.01 13.15
CA ILE A 656 10.35 5.44 11.80
C ILE A 656 10.16 3.92 11.86
N GLY A 657 10.94 3.27 12.72
CA GLY A 657 10.86 1.81 12.92
C GLY A 657 9.51 1.29 13.40
N HIS A 658 8.76 2.13 14.12
CA HIS A 658 7.41 1.79 14.56
C HIS A 658 6.46 1.58 13.37
N PHE A 659 6.31 2.61 12.54
CA PHE A 659 5.42 2.54 11.37
C PHE A 659 5.97 1.65 10.25
N PHE A 660 7.29 1.61 10.11
CA PHE A 660 7.98 0.66 9.23
C PHE A 660 7.56 -0.78 9.52
N PHE A 661 7.52 -1.14 10.81
CA PHE A 661 7.03 -2.45 11.24
C PHE A 661 5.58 -2.65 10.86
N TRP A 662 4.72 -1.67 11.17
CA TRP A 662 3.28 -1.79 10.97
C TRP A 662 2.84 -1.78 9.49
N HIS A 663 3.54 -1.03 8.64
CA HIS A 663 3.24 -1.02 7.20
C HIS A 663 3.58 -2.36 6.53
N LEU A 664 4.67 -2.98 6.97
CA LEU A 664 5.05 -4.32 6.51
C LEU A 664 4.14 -5.38 7.12
N LYS A 665 3.96 -5.30 8.43
CA LYS A 665 3.06 -6.20 9.18
C LYS A 665 1.64 -6.26 8.62
N SER A 666 1.14 -5.12 8.15
CA SER A 666 -0.24 -5.02 7.65
C SER A 666 -0.51 -5.85 6.38
N GLU A 667 0.53 -6.10 5.58
CA GLU A 667 0.39 -6.85 4.33
C GLU A 667 1.02 -8.25 4.37
N MET A 668 1.25 -8.79 5.56
CA MET A 668 1.80 -10.16 5.71
C MET A 668 0.81 -11.25 5.30
N HIS A 669 -0.49 -10.95 5.36
CA HIS A 669 -1.52 -11.81 4.77
C HIS A 669 -1.35 -11.97 3.25
N ASN A 670 -0.89 -10.90 2.59
CA ASN A 670 -0.77 -10.87 1.15
C ASN A 670 0.41 -11.72 0.69
N LYS A 671 0.11 -12.83 0.01
CA LYS A 671 1.13 -13.80 -0.39
C LYS A 671 2.09 -13.32 -1.50
N THR A 672 1.74 -12.24 -2.19
CA THR A 672 2.64 -11.62 -3.18
C THR A 672 3.92 -11.02 -2.56
N VAL A 673 3.84 -10.60 -1.29
CA VAL A 673 5.00 -10.01 -0.60
C VAL A 673 5.30 -10.59 0.78
N SER A 674 4.66 -11.71 1.15
CA SER A 674 4.84 -12.31 2.48
C SER A 674 6.31 -12.62 2.79
N GLN A 675 7.01 -13.19 1.82
CA GLN A 675 8.41 -13.59 1.99
C GLN A 675 9.34 -12.39 2.10
N ARG A 676 9.19 -11.42 1.20
CA ARG A 676 10.00 -10.19 1.21
C ARG A 676 9.80 -9.40 2.50
N PHE A 677 8.53 -9.14 2.83
CA PHE A 677 8.16 -8.35 4.01
C PHE A 677 8.43 -9.11 5.31
N GLY A 678 8.23 -10.43 5.28
CA GLY A 678 8.53 -11.28 6.42
C GLY A 678 10.02 -11.33 6.75
N LEU A 679 10.84 -11.50 5.71
CA LEU A 679 12.30 -11.46 5.84
C LEU A 679 12.79 -10.09 6.32
N LEU A 680 12.16 -9.03 5.83
CA LEU A 680 12.52 -7.66 6.20
C LEU A 680 12.14 -7.35 7.66
N LEU A 681 10.98 -7.84 8.09
CA LEU A 681 10.55 -7.74 9.49
C LEU A 681 11.46 -8.53 10.43
N GLU A 682 11.94 -9.69 10.00
CA GLU A 682 12.89 -10.50 10.78
C GLU A 682 14.16 -9.72 11.07
N SER A 683 14.71 -9.09 10.04
CA SER A 683 15.90 -8.23 10.17
C SER A 683 15.68 -7.10 11.17
N TYR A 684 14.50 -6.48 11.12
CA TYR A 684 14.12 -5.41 12.04
C TYR A 684 13.98 -5.92 13.47
N CYS A 685 13.13 -6.94 13.65
CA CYS A 685 12.84 -7.50 14.97
C CYS A 685 14.05 -8.13 15.65
N ARG A 686 15.00 -8.65 14.87
CA ARG A 686 16.28 -9.13 15.38
C ARG A 686 17.12 -8.00 15.96
N ALA A 687 17.18 -6.87 15.24
CA ALA A 687 18.09 -5.76 15.54
C ALA A 687 17.50 -4.56 16.29
N CYS A 688 16.17 -4.44 16.36
CA CYS A 688 15.52 -3.28 17.01
C CYS A 688 15.67 -3.24 18.53
N GLY A 689 15.99 -4.38 19.13
CA GLY A 689 16.33 -4.44 20.56
C GLY A 689 15.11 -4.42 21.46
N MET A 690 15.03 -3.40 22.31
CA MET A 690 14.04 -3.33 23.40
C MET A 690 12.60 -3.11 22.93
N TYR A 691 12.43 -2.47 21.76
CA TYR A 691 11.10 -2.15 21.23
C TYR A 691 10.29 -3.37 20.77
N LEU A 692 10.96 -4.49 20.49
CA LEU A 692 10.27 -5.75 20.14
C LEU A 692 9.28 -6.21 21.21
N LYS A 693 9.63 -5.96 22.48
CA LYS A 693 8.76 -6.27 23.62
C LYS A 693 7.50 -5.40 23.61
N HIS A 694 7.68 -4.11 23.29
CA HIS A 694 6.56 -3.17 23.17
C HIS A 694 5.64 -3.50 21.99
N LEU A 695 6.22 -3.95 20.87
CA LEU A 695 5.45 -4.31 19.68
C LEU A 695 4.61 -5.59 19.86
N ASN A 696 5.14 -6.58 20.58
CA ASN A 696 4.38 -7.80 20.88
C ASN A 696 3.16 -7.54 21.77
N ARG A 697 3.27 -6.57 22.69
CA ARG A 697 2.12 -6.12 23.48
C ARG A 697 1.05 -5.46 22.62
N GLN A 698 1.47 -4.70 21.61
CA GLN A 698 0.55 -4.12 20.63
C GLN A 698 -0.08 -5.20 19.76
N VAL A 699 0.74 -6.13 19.28
CA VAL A 699 0.27 -7.24 18.43
C VAL A 699 -0.74 -8.12 19.19
N GLU A 700 -0.42 -8.49 20.42
CA GLU A 700 -1.33 -9.31 21.25
C GLU A 700 -2.63 -8.58 21.55
N ALA A 701 -2.55 -7.26 21.76
CA ALA A 701 -3.73 -6.42 21.99
C ALA A 701 -4.66 -6.40 20.78
N MET A 702 -4.09 -6.16 19.59
CA MET A 702 -4.86 -6.12 18.35
C MET A 702 -5.46 -7.48 17.98
N GLU A 703 -4.71 -8.56 18.22
CA GLU A 703 -5.17 -9.92 17.95
C GLU A 703 -6.36 -10.34 18.83
N LYS A 704 -6.39 -9.87 20.07
CA LYS A 704 -7.53 -10.11 20.96
C LYS A 704 -8.76 -9.30 20.55
N LEU A 705 -8.55 -8.07 20.04
CA LEU A 705 -9.63 -7.27 19.47
C LEU A 705 -10.17 -7.84 18.16
N ILE A 706 -9.31 -8.54 17.40
CA ILE A 706 -9.74 -9.30 16.22
C ILE A 706 -10.66 -10.47 16.63
N ASN A 707 -10.29 -11.20 17.69
CA ASN A 707 -11.07 -12.35 18.17
C ASN A 707 -12.51 -11.99 18.57
N LEU A 708 -12.68 -10.89 19.31
CA LEU A 708 -14.00 -10.46 19.77
C LEU A 708 -14.90 -10.01 18.61
N THR A 709 -14.33 -9.22 17.71
CA THR A 709 -15.06 -8.73 16.53
C THR A 709 -15.43 -9.86 15.57
N ASP A 710 -14.57 -10.87 15.44
CA ASP A 710 -14.90 -12.08 14.66
C ASP A 710 -16.08 -12.85 15.25
N ILE A 711 -16.13 -12.94 16.58
CA ILE A 711 -17.26 -13.58 17.28
C ILE A 711 -18.54 -12.78 17.05
N LEU A 712 -18.46 -11.46 17.16
CA LEU A 712 -19.62 -10.57 16.95
C LEU A 712 -20.14 -10.59 15.50
N LYS A 713 -19.23 -10.60 14.54
CA LYS A 713 -19.59 -10.68 13.11
C LYS A 713 -20.17 -12.04 12.72
N GLN A 714 -19.52 -13.12 13.15
CA GLN A 714 -19.88 -14.48 12.75
C GLN A 714 -20.94 -15.08 13.69
N GLU A 715 -20.57 -15.27 14.95
CA GLU A 715 -21.37 -16.05 15.91
C GLU A 715 -22.59 -15.29 16.47
N LYS A 716 -22.38 -14.03 16.86
CA LYS A 716 -23.45 -13.20 17.46
C LYS A 716 -24.10 -12.25 16.42
N LYS A 717 -24.28 -12.73 15.20
CA LYS A 717 -24.82 -11.91 14.11
C LYS A 717 -26.33 -11.66 14.30
N ASP A 718 -27.05 -12.69 14.73
CA ASP A 718 -28.49 -12.61 15.02
C ASP A 718 -28.74 -12.33 16.50
N GLU A 719 -28.19 -11.21 16.98
CA GLU A 719 -28.34 -10.77 18.37
C GLU A 719 -28.45 -9.25 18.41
N THR A 720 -29.16 -8.74 19.41
CA THR A 720 -29.31 -7.29 19.61
C THR A 720 -28.01 -6.67 20.10
N GLN A 721 -27.86 -5.37 19.88
CA GLN A 721 -26.60 -4.67 20.17
C GLN A 721 -26.26 -4.63 21.66
N LYS A 722 -27.27 -4.58 22.53
CA LYS A 722 -27.04 -4.58 23.98
C LYS A 722 -26.59 -5.95 24.49
N VAL A 723 -27.08 -7.03 23.87
CA VAL A 723 -26.61 -8.40 24.18
C VAL A 723 -25.14 -8.58 23.77
N GLN A 724 -24.77 -7.99 22.63
CA GLN A 724 -23.37 -7.97 22.18
C GLN A 724 -22.45 -7.18 23.14
N MET A 725 -22.97 -6.08 23.69
CA MET A 725 -22.23 -5.30 24.70
C MET A 725 -21.96 -6.10 25.98
N LYS A 726 -22.95 -6.86 26.44
CA LYS A 726 -22.81 -7.71 27.63
C LYS A 726 -21.72 -8.76 27.43
N PHE A 727 -21.73 -9.40 26.26
CA PHE A 727 -20.69 -10.36 25.87
C PHE A 727 -19.32 -9.70 25.77
N LEU A 728 -19.27 -8.52 25.15
CA LEU A 728 -18.02 -7.77 24.98
C LEU A 728 -17.44 -7.35 26.33
N VAL A 729 -18.29 -6.77 27.17
CA VAL A 729 -17.87 -6.33 28.52
C VAL A 729 -17.44 -7.52 29.37
N GLU A 730 -18.14 -8.65 29.27
CA GLU A 730 -17.79 -9.86 30.01
C GLU A 730 -16.40 -10.39 29.64
N GLN A 731 -16.15 -10.55 28.34
CA GLN A 731 -14.85 -11.05 27.85
C GLN A 731 -13.70 -10.05 28.07
N MET A 732 -13.96 -8.76 27.92
CA MET A 732 -12.95 -7.72 28.22
C MET A 732 -12.64 -7.61 29.71
N ARG A 733 -13.63 -7.90 30.56
CA ARG A 733 -13.43 -7.90 32.03
C ARG A 733 -12.49 -9.02 32.53
N ARG A 734 -12.37 -10.12 31.77
CA ARG A 734 -11.52 -11.25 32.17
C ARG A 734 -10.05 -10.83 32.25
N PRO A 735 -9.27 -11.47 33.17
CA PRO A 735 -7.91 -10.98 33.46
C PRO A 735 -6.94 -11.03 32.27
N ASP A 736 -7.02 -12.09 31.46
CA ASP A 736 -6.21 -12.22 30.24
C ASP A 736 -6.41 -11.09 29.23
N PHE A 737 -7.65 -10.60 29.12
CA PHE A 737 -7.96 -9.43 28.29
C PHE A 737 -7.54 -8.12 28.95
N MET A 738 -7.69 -8.02 30.27
CA MET A 738 -7.24 -6.85 31.03
C MET A 738 -5.73 -6.65 30.96
N ASP A 739 -4.96 -7.74 31.00
CA ASP A 739 -3.49 -7.68 30.89
C ASP A 739 -3.03 -7.26 29.49
N ALA A 740 -3.68 -7.79 28.47
CA ALA A 740 -3.32 -7.52 27.07
C ALA A 740 -3.73 -6.14 26.60
N LEU A 741 -4.97 -5.74 26.91
CA LEU A 741 -5.55 -4.47 26.43
C LEU A 741 -5.33 -3.26 27.36
N GLN A 742 -4.46 -3.39 28.36
CA GLN A 742 -4.06 -2.26 29.20
C GLN A 742 -2.55 -2.22 29.34
N GLY A 743 -1.97 -1.02 29.35
CA GLY A 743 -0.54 -0.84 29.50
C GLY A 743 0.24 -1.22 28.25
N PHE A 744 -0.06 -0.54 27.15
CA PHE A 744 0.69 -0.67 25.90
C PHE A 744 0.60 0.60 25.07
N LEU A 745 1.52 0.76 24.12
CA LEU A 745 1.62 1.99 23.32
C LEU A 745 0.58 1.97 22.21
N SER A 746 0.04 3.15 21.87
CA SER A 746 -0.91 3.28 20.77
C SER A 746 -0.18 3.02 19.44
N PRO A 747 -0.70 2.11 18.60
CA PRO A 747 -0.12 1.97 17.26
C PRO A 747 -0.26 3.23 16.39
N LEU A 748 -1.31 4.03 16.62
CA LEU A 748 -1.47 5.30 15.92
C LEU A 748 -0.38 6.32 16.25
N ASN A 749 0.13 6.29 17.48
CA ASN A 749 1.26 7.13 17.89
C ASN A 749 1.98 6.47 19.08
N PRO A 750 3.22 5.99 18.88
CA PRO A 750 3.91 5.27 19.97
C PRO A 750 4.34 6.14 21.17
N ALA A 751 4.30 7.47 21.03
CA ALA A 751 4.47 8.38 22.16
C ALA A 751 3.27 8.35 23.11
N HIS A 752 2.08 8.07 22.56
CA HIS A 752 0.84 7.99 23.35
C HIS A 752 0.78 6.67 24.13
N GLN A 753 0.85 6.77 25.46
CA GLN A 753 0.76 5.61 26.35
C GLN A 753 -0.73 5.32 26.61
N LEU A 754 -1.15 4.07 26.42
CA LEU A 754 -2.54 3.66 26.73
C LEU A 754 -2.57 2.88 28.05
N GLY A 755 -3.22 3.46 29.06
CA GLY A 755 -3.27 2.89 30.41
C GLY A 755 -4.42 1.91 30.56
N ASN A 756 -5.23 2.11 31.61
CA ASN A 756 -6.38 1.24 31.86
C ASN A 756 -7.56 1.60 30.96
N LEU A 757 -8.40 0.61 30.68
CA LEU A 757 -9.59 0.81 29.86
C LEU A 757 -10.69 1.46 30.70
N ARG A 758 -11.31 2.50 30.15
CA ARG A 758 -12.60 2.99 30.66
C ARG A 758 -13.67 2.08 30.08
N LEU A 759 -13.79 0.89 30.69
CA LEU A 759 -14.56 -0.22 30.13
C LEU A 759 -16.06 0.03 30.09
N GLU A 760 -16.57 0.88 30.99
CA GLU A 760 -17.97 1.29 30.98
C GLU A 760 -18.30 2.19 29.77
N GLU A 761 -17.32 3.00 29.35
CA GLU A 761 -17.51 3.92 28.21
C GLU A 761 -17.14 3.33 26.84
N CYS A 762 -16.56 2.11 26.82
CA CYS A 762 -16.29 1.41 25.56
C CYS A 762 -17.60 0.90 24.96
N ARG A 763 -17.72 0.99 23.64
CA ARG A 763 -18.97 0.70 22.92
C ARG A 763 -18.74 0.03 21.57
N ILE A 764 -19.75 -0.69 21.10
CA ILE A 764 -19.81 -1.17 19.71
C ILE A 764 -20.55 -0.11 18.90
N MET A 765 -20.15 0.05 17.64
CA MET A 765 -20.72 1.06 16.74
C MET A 765 -21.81 0.45 15.85
N SER A 766 -22.52 1.31 15.13
CA SER A 766 -23.74 0.93 14.39
C SER A 766 -23.53 0.06 13.14
N SER A 767 -22.33 0.04 12.58
CA SER A 767 -22.03 -0.70 11.35
C SER A 767 -22.17 -2.21 11.51
N ALA A 768 -22.51 -2.88 10.40
CA ALA A 768 -22.70 -4.34 10.38
C ALA A 768 -21.39 -5.12 10.55
N LYS A 769 -20.26 -4.48 10.25
CA LYS A 769 -18.93 -5.08 10.46
C LYS A 769 -18.49 -5.07 11.93
N ARG A 770 -19.21 -4.33 12.78
CA ARG A 770 -18.95 -4.25 14.22
C ARG A 770 -17.58 -3.65 14.59
N PRO A 771 -17.46 -2.31 14.45
CA PRO A 771 -16.29 -1.59 14.97
C PRO A 771 -16.44 -1.29 16.45
N LEU A 772 -15.31 -1.19 17.15
CA LEU A 772 -15.30 -0.93 18.59
C LEU A 772 -14.80 0.49 18.85
N TRP A 773 -15.65 1.30 19.49
CA TRP A 773 -15.25 2.62 19.98
C TRP A 773 -14.63 2.42 21.37
N LEU A 774 -13.30 2.38 21.41
CA LEU A 774 -12.56 2.10 22.64
C LEU A 774 -12.07 3.39 23.30
N ASN A 775 -11.78 3.30 24.60
CA ASN A 775 -11.46 4.46 25.43
C ASN A 775 -10.46 4.08 26.53
N TRP A 776 -9.23 4.59 26.43
CA TRP A 776 -8.16 4.30 27.38
C TRP A 776 -7.82 5.52 28.25
N GLU A 777 -7.36 5.25 29.47
CA GLU A 777 -6.77 6.29 30.33
C GLU A 777 -5.40 6.66 29.79
N ASN A 778 -5.01 7.93 29.95
CA ASN A 778 -3.64 8.36 29.75
C ASN A 778 -2.94 8.24 31.11
N PRO A 779 -2.03 7.26 31.26
CA PRO A 779 -1.39 7.01 32.56
C PRO A 779 -0.27 8.00 32.91
N ASP A 780 0.09 8.89 31.99
CA ASP A 780 1.08 9.95 32.24
C ASP A 780 0.64 10.81 33.43
N ILE A 781 1.60 11.18 34.27
CA ILE A 781 1.29 11.95 35.51
C ILE A 781 0.92 13.43 35.26
N MET A 782 1.18 13.93 34.04
CA MET A 782 0.73 15.26 33.61
C MET A 782 -0.32 15.16 32.48
N SER A 783 -1.22 14.19 32.59
CA SER A 783 -2.24 13.96 31.55
C SER A 783 -3.28 15.07 31.49
N GLU A 784 -3.64 15.63 32.65
CA GLU A 784 -4.62 16.73 32.76
C GLU A 784 -4.30 17.96 31.89
N LEU A 785 -3.02 18.21 31.61
CA LEU A 785 -2.60 19.34 30.79
C LEU A 785 -2.86 19.12 29.29
N LEU A 786 -2.50 17.93 28.79
CA LEU A 786 -2.67 17.61 27.36
C LEU A 786 -4.00 16.89 27.06
N PHE A 787 -4.15 15.65 27.53
CA PHE A 787 -5.43 14.92 27.44
C PHE A 787 -5.49 13.76 28.44
N GLN A 788 -6.64 13.62 29.11
CA GLN A 788 -6.81 12.62 30.17
C GLN A 788 -7.22 11.24 29.65
N ASN A 789 -7.82 11.19 28.46
CA ASN A 789 -8.22 9.92 27.84
C ASN A 789 -7.90 9.89 26.35
N ASN A 790 -7.68 8.68 25.84
CA ASN A 790 -7.34 8.45 24.44
C ASN A 790 -8.40 7.52 23.83
N GLU A 791 -9.16 8.05 22.86
CA GLU A 791 -10.23 7.31 22.20
C GLU A 791 -9.81 6.87 20.80
N ILE A 792 -9.93 5.56 20.53
CA ILE A 792 -9.54 4.97 19.24
C ILE A 792 -10.66 4.05 18.74
N ILE A 793 -10.95 4.13 17.44
CA ILE A 793 -11.95 3.30 16.78
C ILE A 793 -11.26 2.12 16.09
N PHE A 794 -11.47 0.92 16.62
CA PHE A 794 -11.01 -0.32 15.99
C PHE A 794 -12.03 -0.75 14.94
N LYS A 795 -11.54 -1.27 13.81
CA LYS A 795 -12.40 -1.72 12.70
C LYS A 795 -11.86 -3.01 12.09
N ASN A 796 -12.74 -4.00 11.96
CA ASN A 796 -12.38 -5.35 11.48
C ASN A 796 -12.82 -5.67 10.04
N GLY A 797 -13.88 -5.02 9.56
CA GLY A 797 -14.48 -5.37 8.26
C GLY A 797 -13.91 -4.71 7.02
N ASP A 798 -13.62 -3.41 7.11
CA ASP A 798 -13.36 -2.59 5.92
C ASP A 798 -11.88 -2.25 5.72
N ASP A 799 -11.53 -2.00 4.46
CA ASP A 799 -10.18 -1.64 4.06
C ASP A 799 -9.97 -0.14 4.33
N LEU A 800 -9.02 0.19 5.19
CA LEU A 800 -8.73 1.59 5.55
C LEU A 800 -7.42 2.14 4.95
N ARG A 801 -6.90 1.46 3.93
CA ARG A 801 -5.71 1.94 3.22
C ARG A 801 -5.98 3.20 2.38
N GLN A 802 -7.23 3.36 1.93
CA GLN A 802 -7.63 4.51 1.11
C GLN A 802 -7.77 5.75 1.99
N ASP A 803 -8.37 5.58 3.16
CA ASP A 803 -8.45 6.66 4.17
C ASP A 803 -7.07 7.04 4.69
N MET A 804 -6.23 6.03 4.96
CA MET A 804 -4.84 6.25 5.39
C MET A 804 -4.07 7.10 4.38
N LEU A 805 -4.20 6.76 3.10
CA LEU A 805 -3.56 7.49 2.01
C LEU A 805 -4.16 8.89 1.84
N THR A 806 -5.49 8.96 1.81
CA THR A 806 -6.21 10.24 1.67
C THR A 806 -5.83 11.22 2.79
N LEU A 807 -5.77 10.73 4.03
CA LEU A 807 -5.38 11.54 5.19
C LEU A 807 -3.89 11.92 5.20
N GLN A 808 -3.03 11.07 4.62
CA GLN A 808 -1.61 11.40 4.39
C GLN A 808 -1.47 12.57 3.41
N ILE A 809 -2.24 12.51 2.32
CA ILE A 809 -2.21 13.53 1.27
C ILE A 809 -2.72 14.88 1.81
N ILE A 810 -3.80 14.85 2.58
CA ILE A 810 -4.37 16.05 3.23
C ILE A 810 -3.32 16.75 4.11
N ARG A 811 -2.56 15.96 4.87
CA ARG A 811 -1.46 16.50 5.70
C ARG A 811 -0.36 17.14 4.85
N ILE A 812 -0.03 16.52 3.72
CA ILE A 812 0.96 17.06 2.78
C ILE A 812 0.43 18.32 2.11
N MET A 813 -0.82 18.30 1.66
CA MET A 813 -1.49 19.50 1.12
C MET A 813 -1.47 20.67 2.11
N GLU A 814 -1.78 20.38 3.39
CA GLU A 814 -1.73 21.37 4.46
C GLU A 814 -0.33 21.97 4.61
N ASN A 815 0.68 21.10 4.65
CA ASN A 815 2.08 21.52 4.82
C ASN A 815 2.57 22.41 3.66
N ILE A 816 2.10 22.13 2.45
CA ILE A 816 2.40 22.97 1.26
C ILE A 816 1.82 24.38 1.45
N TRP A 817 0.58 24.46 1.89
CA TRP A 817 -0.11 25.75 2.07
C TRP A 817 0.48 26.60 3.19
N GLN A 818 0.85 25.97 4.31
CA GLN A 818 1.46 26.69 5.44
C GLN A 818 2.82 27.29 5.08
N ASN A 819 3.64 26.53 4.36
CA ASN A 819 4.94 27.03 3.88
C ASN A 819 4.84 28.14 2.83
N GLN A 820 3.73 28.16 2.08
CA GLN A 820 3.49 29.17 1.03
C GLN A 820 2.66 30.38 1.50
N GLY A 821 2.38 30.48 2.81
CA GLY A 821 1.70 31.64 3.39
C GLY A 821 0.22 31.47 3.70
N LEU A 822 -0.46 30.56 2.99
CA LEU A 822 -1.89 30.32 3.19
C LEU A 822 -2.17 29.54 4.48
N ASP A 823 -2.75 30.22 5.47
CA ASP A 823 -3.10 29.59 6.74
C ASP A 823 -4.44 28.86 6.62
N LEU A 824 -4.42 27.69 5.99
CA LEU A 824 -5.61 26.85 5.80
C LEU A 824 -5.48 25.60 6.67
N ARG A 825 -6.07 25.65 7.86
CA ARG A 825 -5.92 24.57 8.85
C ARG A 825 -6.78 23.36 8.47
N MET A 826 -6.11 22.29 8.04
CA MET A 826 -6.72 20.97 7.82
C MET A 826 -6.63 20.15 9.11
N LEU A 827 -7.32 19.01 9.12
CA LEU A 827 -7.31 18.10 10.26
C LEU A 827 -7.11 16.65 9.80
N PRO A 828 -5.86 16.30 9.42
CA PRO A 828 -5.55 14.93 9.02
C PRO A 828 -5.39 14.03 10.26
N TYR A 829 -6.53 13.58 10.78
CA TYR A 829 -6.57 12.68 11.94
C TYR A 829 -5.89 11.35 11.64
N GLY A 830 -5.39 10.69 12.68
CA GLY A 830 -4.64 9.44 12.55
C GLY A 830 -5.49 8.30 12.04
N CYS A 831 -4.95 7.56 11.06
CA CYS A 831 -5.61 6.37 10.51
C CYS A 831 -4.55 5.40 10.00
N LEU A 832 -4.41 4.26 10.67
CA LEU A 832 -3.37 3.28 10.39
C LEU A 832 -3.99 1.91 10.11
N SER A 833 -3.75 1.39 8.90
CA SER A 833 -4.12 0.02 8.55
C SER A 833 -3.07 -0.94 9.11
N ILE A 834 -3.53 -1.98 9.81
CA ILE A 834 -2.64 -2.94 10.51
C ILE A 834 -2.80 -4.41 10.09
N GLY A 835 -3.63 -4.68 9.09
CA GLY A 835 -3.88 -6.06 8.65
C GLY A 835 -4.81 -6.14 7.46
N ASP A 836 -5.32 -7.34 7.19
CA ASP A 836 -6.30 -7.55 6.11
C ASP A 836 -7.63 -6.94 6.53
N CYS A 837 -7.89 -5.72 6.06
CA CYS A 837 -9.06 -4.92 6.42
C CYS A 837 -9.19 -4.67 7.94
N VAL A 838 -8.04 -4.53 8.61
CA VAL A 838 -7.99 -4.19 10.03
C VAL A 838 -7.25 -2.85 10.14
N GLY A 839 -7.81 -1.91 10.90
CA GLY A 839 -7.18 -0.61 11.10
C GLY A 839 -7.72 0.16 12.29
N LEU A 840 -6.98 1.19 12.67
CA LEU A 840 -7.33 2.08 13.78
C LEU A 840 -7.58 3.50 13.27
N ILE A 841 -8.49 4.21 13.94
CA ILE A 841 -8.82 5.59 13.59
C ILE A 841 -8.80 6.47 14.86
N GLU A 842 -8.13 7.62 14.77
CA GLU A 842 -8.06 8.59 15.87
C GLU A 842 -9.41 9.28 16.03
N VAL A 843 -9.81 9.50 17.28
CA VAL A 843 -11.03 10.23 17.60
C VAL A 843 -10.66 11.69 17.92
N VAL A 844 -11.28 12.61 17.20
CA VAL A 844 -11.15 14.04 17.45
C VAL A 844 -12.11 14.41 18.58
N ARG A 845 -11.60 15.08 19.60
CA ARG A 845 -12.42 15.51 20.75
C ARG A 845 -13.28 16.71 20.35
N ASN A 846 -14.51 16.73 20.87
CA ASN A 846 -15.48 17.80 20.63
C ASN A 846 -15.82 17.99 19.14
N SER A 847 -15.89 16.88 18.41
CA SER A 847 -16.21 16.88 16.98
C SER A 847 -17.67 16.45 16.80
N HIS A 848 -18.43 17.26 16.06
CA HIS A 848 -19.86 17.02 15.83
C HIS A 848 -20.15 17.03 14.34
N THR A 849 -20.92 16.05 13.87
CA THR A 849 -21.38 16.03 12.48
C THR A 849 -22.40 17.15 12.24
N ILE A 850 -22.64 17.48 10.97
CA ILE A 850 -23.61 18.52 10.61
C ILE A 850 -25.03 18.08 10.98
N MET A 851 -25.31 16.79 10.89
CA MET A 851 -26.60 16.20 11.29
C MET A 851 -26.95 16.48 12.76
N GLN A 852 -25.94 16.54 13.64
CA GLN A 852 -26.15 16.79 15.07
C GLN A 852 -26.61 18.23 15.39
N ILE A 853 -26.05 19.21 14.69
CA ILE A 853 -26.43 20.62 14.88
C ILE A 853 -27.85 20.91 14.33
N GLN A 854 -28.18 20.32 13.18
CA GLN A 854 -29.48 20.53 12.52
C GLN A 854 -30.21 19.20 12.33
N CYS A 855 -31.32 19.03 13.06
CA CYS A 855 -32.07 17.77 13.08
C CYS A 855 -32.84 17.54 11.76
N LYS A 856 -32.84 16.29 11.29
CA LYS A 856 -33.53 15.93 10.04
C LYS A 856 -35.03 15.75 10.26
N GLY A 857 -35.81 16.14 9.27
CA GLY A 857 -37.27 16.05 9.33
C GLY A 857 -37.94 16.65 8.10
N GLY A 858 -39.01 16.01 7.63
CA GLY A 858 -39.71 16.45 6.42
C GLY A 858 -40.52 17.71 6.62
N ASN A 866 -34.17 24.16 9.09
CA ASN A 866 -33.87 25.56 8.80
C ASN A 866 -32.40 25.74 8.39
N SER A 867 -32.16 26.62 7.42
CA SER A 867 -30.82 26.85 6.88
C SER A 867 -29.85 27.54 7.85
N HIS A 868 -30.39 28.40 8.72
CA HIS A 868 -29.57 29.21 9.63
C HIS A 868 -29.15 28.51 10.93
N THR A 869 -29.58 27.26 11.13
CA THR A 869 -29.30 26.51 12.37
C THR A 869 -27.80 26.29 12.63
N LEU A 870 -27.02 26.12 11.56
CA LEU A 870 -25.57 25.91 11.67
C LEU A 870 -24.85 27.15 12.22
N HIS A 871 -25.22 28.32 11.70
CA HIS A 871 -24.65 29.60 12.15
C HIS A 871 -25.01 29.93 13.60
N GLN A 872 -26.22 29.56 14.01
CA GLN A 872 -26.67 29.79 15.40
C GLN A 872 -25.89 28.99 16.43
N TRP A 873 -25.59 27.72 16.13
CA TRP A 873 -24.79 26.88 17.02
C TRP A 873 -23.37 27.40 17.17
N LEU A 874 -22.76 27.82 16.06
CA LEU A 874 -21.38 28.31 16.05
C LEU A 874 -21.21 29.63 16.82
N LYS A 875 -22.23 30.49 16.75
CA LYS A 875 -22.23 31.75 17.51
C LYS A 875 -22.37 31.53 19.02
N ASP A 876 -23.15 30.52 19.41
CA ASP A 876 -23.32 30.15 20.83
C ASP A 876 -22.03 29.60 21.43
N LYS A 877 -21.40 28.67 20.72
CA LYS A 877 -20.14 28.05 21.16
C LYS A 877 -18.95 29.03 21.20
N ASN A 878 -18.97 30.03 20.33
CA ASN A 878 -17.90 31.04 20.26
C ASN A 878 -18.50 32.45 20.41
N LYS A 879 -19.27 32.65 21.48
CA LYS A 879 -19.91 33.95 21.76
C LYS A 879 -18.90 34.98 22.28
N GLY A 880 -19.23 36.26 22.10
CA GLY A 880 -18.36 37.37 22.48
C GLY A 880 -17.48 37.81 21.32
N GLU A 881 -16.33 38.41 21.65
CA GLU A 881 -15.39 38.93 20.64
C GLU A 881 -14.56 37.85 19.93
N ILE A 882 -14.55 36.62 20.46
CA ILE A 882 -13.86 35.48 19.83
C ILE A 882 -14.57 34.98 18.55
N TYR A 883 -15.85 35.32 18.39
CA TYR A 883 -16.66 34.98 17.20
C TYR A 883 -15.94 35.09 15.86
N ASP A 884 -15.26 36.22 15.62
CA ASP A 884 -14.59 36.48 14.33
C ASP A 884 -13.49 35.46 13.99
N ALA A 885 -12.73 35.03 14.99
CA ALA A 885 -11.70 34.00 14.82
C ALA A 885 -12.28 32.63 14.45
N ALA A 886 -13.47 32.32 14.99
CA ALA A 886 -14.17 31.07 14.70
C ALA A 886 -14.74 31.03 13.28
N ILE A 887 -15.27 32.16 12.81
CA ILE A 887 -15.77 32.28 11.43
C ILE A 887 -14.60 32.25 10.44
N ASP A 888 -13.47 32.85 10.83
CA ASP A 888 -12.25 32.83 10.03
C ASP A 888 -11.70 31.40 9.88
N LEU A 889 -11.58 30.70 11.01
CA LEU A 889 -11.14 29.30 11.02
C LEU A 889 -12.08 28.38 10.23
N PHE A 890 -13.39 28.61 10.36
CA PHE A 890 -14.40 27.87 9.59
C PHE A 890 -14.25 28.12 8.09
N THR A 891 -14.12 29.39 7.71
CA THR A 891 -14.00 29.79 6.31
C THR A 891 -12.69 29.24 5.68
N ARG A 892 -11.60 29.37 6.42
CA ARG A 892 -10.30 28.82 5.99
C ARG A 892 -10.31 27.29 5.90
N SER A 893 -10.98 26.63 6.85
CA SER A 893 -11.13 25.18 6.85
C SER A 893 -11.92 24.68 5.63
N CYS A 894 -13.09 25.29 5.40
CA CYS A 894 -13.92 24.98 4.22
C CYS A 894 -13.17 25.13 2.90
N ALA A 895 -12.31 26.15 2.82
CA ALA A 895 -11.55 26.45 1.61
C ALA A 895 -10.63 25.31 1.22
N GLY A 896 -9.81 24.87 2.18
CA GLY A 896 -8.87 23.77 1.95
C GLY A 896 -9.57 22.46 1.63
N TYR A 897 -10.63 22.13 2.38
CA TYR A 897 -11.40 20.91 2.15
C TYR A 897 -12.25 20.96 0.87
N CYS A 898 -12.63 22.15 0.41
CA CYS A 898 -13.32 22.28 -0.88
C CYS A 898 -12.37 21.97 -2.04
N VAL A 899 -11.17 22.53 -1.95
CA VAL A 899 -10.12 22.32 -2.96
C VAL A 899 -9.57 20.89 -2.90
N ALA A 900 -9.26 20.43 -1.69
CA ALA A 900 -8.65 19.10 -1.48
C ALA A 900 -9.51 17.98 -2.05
N THR A 901 -10.80 17.98 -1.71
CA THR A 901 -11.73 16.94 -2.17
C THR A 901 -12.01 16.99 -3.67
N PHE A 902 -12.04 18.18 -4.26
CA PHE A 902 -12.19 18.34 -5.72
C PHE A 902 -11.01 17.73 -6.50
N ILE A 903 -9.79 17.98 -6.01
CA ILE A 903 -8.59 17.45 -6.64
C ILE A 903 -8.56 15.92 -6.53
N LEU A 904 -8.75 15.41 -5.31
CA LEU A 904 -8.65 13.98 -5.03
C LEU A 904 -9.88 13.18 -5.48
N GLY A 905 -11.03 13.83 -5.61
CA GLY A 905 -12.25 13.19 -6.10
C GLY A 905 -12.82 12.15 -5.15
N ILE A 906 -12.91 12.51 -3.87
CA ILE A 906 -13.40 11.59 -2.83
C ILE A 906 -14.92 11.42 -2.93
N GLY A 907 -15.47 10.50 -2.13
CA GLY A 907 -16.91 10.26 -2.07
C GLY A 907 -17.72 11.49 -1.76
N ASP A 908 -18.99 11.48 -2.17
CA ASP A 908 -19.86 12.67 -2.07
C ASP A 908 -20.11 13.04 -0.61
N ARG A 909 -19.91 14.33 -0.30
CA ARG A 909 -20.05 14.82 1.08
C ARG A 909 -21.52 15.07 1.41
N HIS A 910 -21.98 14.42 2.48
CA HIS A 910 -23.29 14.70 3.09
C HIS A 910 -23.08 15.07 4.56
N ASN A 911 -24.17 15.42 5.25
CA ASN A 911 -24.09 15.98 6.61
C ASN A 911 -23.45 15.05 7.66
N SER A 912 -23.62 13.75 7.50
CA SER A 912 -22.93 12.76 8.34
C SER A 912 -21.41 12.65 8.07
N ASN A 913 -20.98 12.89 6.83
CA ASN A 913 -19.55 12.91 6.49
C ASN A 913 -18.81 14.15 7.01
N ILE A 914 -19.45 15.31 6.89
CA ILE A 914 -18.84 16.58 7.29
C ILE A 914 -18.96 16.74 8.81
N MET A 915 -17.90 17.23 9.46
CA MET A 915 -17.88 17.46 10.91
C MET A 915 -17.31 18.84 11.24
N VAL A 916 -17.72 19.37 12.40
CA VAL A 916 -17.30 20.70 12.87
C VAL A 916 -16.96 20.65 14.36
N LYS A 917 -15.86 21.30 14.75
CA LYS A 917 -15.46 21.42 16.15
C LYS A 917 -16.07 22.66 16.81
N ASP A 918 -15.94 22.76 18.14
CA ASP A 918 -16.50 23.88 18.90
C ASP A 918 -15.87 25.23 18.53
N ASP A 919 -14.55 25.24 18.32
CA ASP A 919 -13.83 26.44 17.90
C ASP A 919 -14.13 26.90 16.46
N GLY A 920 -14.79 26.06 15.67
CA GLY A 920 -15.23 26.41 14.31
C GLY A 920 -14.50 25.67 13.19
N GLN A 921 -13.57 24.80 13.55
CA GLN A 921 -12.78 24.04 12.57
C GLN A 921 -13.63 22.94 11.89
N LEU A 922 -13.89 23.12 10.60
CA LEU A 922 -14.59 22.11 9.80
C LEU A 922 -13.60 21.09 9.23
N PHE A 923 -14.03 19.83 9.16
CA PHE A 923 -13.24 18.76 8.54
C PHE A 923 -14.13 17.61 8.08
N HIS A 924 -13.54 16.69 7.32
CA HIS A 924 -14.25 15.54 6.76
C HIS A 924 -13.81 14.22 7.38
N ILE A 925 -14.69 13.23 7.31
CA ILE A 925 -14.41 11.84 7.72
C ILE A 925 -15.01 10.87 6.70
N ASP A 926 -14.54 9.62 6.74
CA ASP A 926 -15.02 8.54 5.88
C ASP A 926 -14.87 8.91 4.40
N PHE A 927 -13.62 8.87 3.94
CA PHE A 927 -13.29 9.21 2.56
C PHE A 927 -13.66 8.05 1.64
N GLY A 928 -13.24 6.84 2.03
CA GLY A 928 -13.62 5.62 1.33
C GLY A 928 -13.01 5.56 -0.06
N HIS A 929 -13.86 5.42 -1.08
CA HIS A 929 -13.43 5.49 -2.47
C HIS A 929 -13.00 6.91 -2.84
N PHE A 930 -12.05 7.01 -3.77
CA PHE A 930 -11.48 8.28 -4.22
C PHE A 930 -10.90 8.17 -5.63
N LEU A 931 -10.46 9.32 -6.18
CA LEU A 931 -10.16 9.47 -7.62
C LEU A 931 -11.36 9.16 -8.52
N ASP A 932 -12.56 9.40 -7.99
CA ASP A 932 -13.82 9.03 -8.63
C ASP A 932 -13.80 7.59 -9.15
N HIS A 933 -13.80 6.64 -8.21
CA HIS A 933 -13.78 5.22 -8.55
C HIS A 933 -15.09 4.74 -9.21
N LYS A 934 -16.18 5.48 -8.98
CA LYS A 934 -17.43 5.26 -9.68
C LYS A 934 -17.53 6.06 -11.00
N LYS A 935 -16.41 6.20 -11.73
CA LYS A 935 -16.42 6.52 -13.15
C LYS A 935 -16.35 5.23 -14.01
N LYS A 936 -16.10 4.10 -13.34
CA LYS A 936 -16.55 2.80 -13.83
C LYS A 936 -17.95 2.60 -13.25
N LYS A 937 -18.80 1.88 -13.99
CA LYS A 937 -20.25 1.80 -13.72
C LYS A 937 -20.97 3.16 -13.87
N PHE A 938 -20.35 4.10 -14.59
CA PHE A 938 -20.88 5.45 -14.80
C PHE A 938 -19.99 6.11 -15.87
N GLY A 939 -20.43 6.06 -17.13
CA GLY A 939 -19.60 6.45 -18.27
C GLY A 939 -19.16 7.90 -18.42
N TYR A 940 -19.73 8.81 -17.62
CA TYR A 940 -19.42 10.25 -17.70
C TYR A 940 -17.93 10.58 -17.52
N LYS A 941 -17.47 11.60 -18.26
CA LYS A 941 -16.08 12.09 -18.22
C LYS A 941 -15.90 13.34 -17.33
N ARG A 942 -17.01 13.92 -16.87
CA ARG A 942 -16.97 15.14 -16.04
C ARG A 942 -16.35 14.85 -14.67
N GLU A 943 -15.57 15.80 -14.17
CA GLU A 943 -14.91 15.71 -12.87
C GLU A 943 -15.83 16.34 -11.82
N ARG A 944 -16.52 15.50 -11.06
CA ARG A 944 -17.51 15.97 -10.07
C ARG A 944 -16.87 16.67 -8.86
N VAL A 945 -17.69 17.49 -8.20
CA VAL A 945 -17.28 18.24 -7.01
C VAL A 945 -17.91 17.55 -5.79
N PRO A 946 -17.10 16.92 -4.92
CA PRO A 946 -17.70 16.25 -3.75
C PRO A 946 -18.29 17.20 -2.71
N PHE A 947 -17.50 18.14 -2.22
CA PHE A 947 -17.93 19.06 -1.16
C PHE A 947 -18.58 20.30 -1.76
N VAL A 948 -19.91 20.25 -1.90
CA VAL A 948 -20.71 21.36 -2.40
C VAL A 948 -21.16 22.21 -1.21
N LEU A 949 -20.85 23.49 -1.23
CA LEU A 949 -21.25 24.42 -0.17
C LEU A 949 -22.69 24.86 -0.37
N THR A 950 -23.61 24.26 0.40
CA THR A 950 -25.02 24.63 0.39
C THR A 950 -25.27 25.94 1.15
N GLN A 951 -26.51 26.42 1.10
CA GLN A 951 -26.94 27.64 1.82
C GLN A 951 -26.57 27.62 3.31
N ASP A 952 -26.61 26.44 3.92
CA ASP A 952 -26.23 26.27 5.34
C ASP A 952 -24.80 26.75 5.63
N PHE A 953 -23.86 26.39 4.75
CA PHE A 953 -22.45 26.72 4.93
C PHE A 953 -22.10 28.16 4.53
N LEU A 954 -22.75 28.67 3.49
CA LEU A 954 -22.47 30.02 2.98
C LEU A 954 -22.91 31.13 3.93
N ILE A 955 -23.99 30.89 4.68
CA ILE A 955 -24.45 31.83 5.73
C ILE A 955 -23.38 32.01 6.83
N VAL A 956 -22.67 30.93 7.17
CA VAL A 956 -21.64 30.97 8.20
C VAL A 956 -20.43 31.78 7.75
N ILE A 957 -20.06 31.66 6.47
CA ILE A 957 -18.97 32.44 5.88
C ILE A 957 -19.37 33.91 5.76
N SER A 958 -20.56 34.15 5.20
CA SER A 958 -21.07 35.51 4.97
C SER A 958 -21.64 36.23 6.20
N LYS A 959 -21.78 35.51 7.33
CA LYS A 959 -22.21 36.08 8.61
C LYS A 959 -23.66 36.59 8.61
N GLY A 960 -24.58 35.70 8.25
CA GLY A 960 -26.02 35.98 8.32
C GLY A 960 -26.64 36.80 7.20
N ALA A 961 -25.90 37.01 6.11
CA ALA A 961 -26.43 37.74 4.95
C ALA A 961 -27.31 36.81 4.11
N GLN A 962 -28.44 37.32 3.64
CA GLN A 962 -29.37 36.55 2.79
C GLN A 962 -28.80 36.36 1.39
N GLU A 963 -28.24 37.44 0.83
CA GLU A 963 -27.45 37.37 -0.41
C GLU A 963 -26.00 37.03 -0.05
N CYS A 964 -25.80 35.77 0.36
CA CYS A 964 -24.50 35.28 0.83
C CYS A 964 -23.47 35.08 -0.30
N THR A 965 -23.97 34.90 -1.53
CA THR A 965 -23.11 34.75 -2.70
C THR A 965 -22.50 36.08 -3.18
N LYS A 966 -23.10 37.20 -2.77
CA LYS A 966 -22.65 38.54 -3.17
C LYS A 966 -22.18 39.35 -1.95
N THR A 967 -21.18 38.82 -1.24
CA THR A 967 -20.56 39.49 -0.09
C THR A 967 -19.04 39.58 -0.25
N ARG A 968 -18.42 40.42 0.58
CA ARG A 968 -16.97 40.56 0.61
C ARG A 968 -16.29 39.32 1.24
N GLU A 969 -16.98 38.69 2.20
CA GLU A 969 -16.50 37.46 2.85
C GLU A 969 -16.43 36.29 1.87
N PHE A 970 -17.45 36.15 1.02
CA PHE A 970 -17.48 35.10 0.00
C PHE A 970 -16.45 35.33 -1.11
N GLU A 971 -16.24 36.60 -1.49
CA GLU A 971 -15.17 36.96 -2.43
C GLU A 971 -13.80 36.62 -1.83
N ARG A 972 -13.60 36.99 -0.57
CA ARG A 972 -12.39 36.66 0.18
C ARG A 972 -12.19 35.15 0.33
N PHE A 973 -13.30 34.41 0.54
CA PHE A 973 -13.30 32.95 0.57
C PHE A 973 -12.86 32.34 -0.77
N GLN A 974 -13.40 32.87 -1.86
CA GLN A 974 -13.05 32.40 -3.21
C GLN A 974 -11.54 32.56 -3.52
N GLU A 975 -10.97 33.70 -3.12
CA GLU A 975 -9.53 33.96 -3.32
C GLU A 975 -8.62 32.94 -2.63
N MET A 976 -9.03 32.45 -1.46
CA MET A 976 -8.28 31.41 -0.75
C MET A 976 -8.29 30.08 -1.51
N CYS A 977 -9.47 29.69 -2.00
CA CYS A 977 -9.64 28.47 -2.80
C CYS A 977 -8.79 28.49 -4.09
N TYR A 978 -8.70 29.66 -4.73
CA TYR A 978 -7.89 29.81 -5.95
C TYR A 978 -6.40 29.72 -5.64
N LYS A 979 -5.96 30.46 -4.63
CA LYS A 979 -4.57 30.41 -4.17
C LYS A 979 -4.16 29.02 -3.68
N ALA A 980 -5.08 28.33 -3.00
CA ALA A 980 -4.88 26.95 -2.56
C ALA A 980 -4.80 25.97 -3.72
N TYR A 981 -5.69 26.14 -4.71
CA TYR A 981 -5.73 25.29 -5.90
C TYR A 981 -4.45 25.39 -6.74
N LEU A 982 -3.96 26.62 -6.95
CA LEU A 982 -2.71 26.83 -7.70
C LEU A 982 -1.47 26.35 -6.95
N ALA A 983 -1.49 26.42 -5.62
CA ALA A 983 -0.40 25.91 -4.78
C ALA A 983 -0.18 24.40 -4.94
N ILE A 984 -1.28 23.64 -4.97
CA ILE A 984 -1.23 22.19 -5.20
C ILE A 984 -0.90 21.86 -6.66
N ARG A 985 -1.40 22.68 -7.58
CA ARG A 985 -1.07 22.53 -9.02
C ARG A 985 0.43 22.66 -9.28
N GLN A 986 1.05 23.64 -8.62
CA GLN A 986 2.50 23.86 -8.73
C GLN A 986 3.36 22.76 -8.08
N HIS A 987 2.79 22.04 -7.11
CA HIS A 987 3.42 20.84 -6.53
C HIS A 987 2.75 19.53 -7.02
N ALA A 988 2.27 19.52 -8.26
CA ALA A 988 1.55 18.36 -8.82
C ALA A 988 2.44 17.12 -8.98
N ASN A 989 3.71 17.33 -9.31
CA ASN A 989 4.68 16.23 -9.46
C ASN A 989 4.75 15.36 -8.22
N LEU A 990 4.85 15.99 -7.05
CA LEU A 990 4.91 15.28 -5.77
C LEU A 990 3.76 14.27 -5.60
N PHE A 991 2.53 14.75 -5.80
CA PHE A 991 1.35 13.91 -5.59
C PHE A 991 1.21 12.81 -6.64
N ILE A 992 1.56 13.13 -7.89
CA ILE A 992 1.57 12.15 -8.98
C ILE A 992 2.59 11.05 -8.69
N ASN A 993 3.79 11.45 -8.24
CA ASN A 993 4.83 10.50 -7.83
C ASN A 993 4.36 9.63 -6.66
N LEU A 994 3.74 10.27 -5.66
CA LEU A 994 3.23 9.54 -4.50
C LEU A 994 2.19 8.49 -4.88
N PHE A 995 1.28 8.83 -5.78
CA PHE A 995 0.28 7.86 -6.28
C PHE A 995 0.90 6.77 -7.18
N SER A 996 1.88 7.13 -8.00
CA SER A 996 2.62 6.17 -8.84
C SER A 996 3.35 5.11 -8.03
N MET A 997 3.87 5.50 -6.87
CA MET A 997 4.54 4.58 -5.95
C MET A 997 3.59 3.55 -5.30
N MET A 998 2.29 3.88 -5.25
CA MET A 998 1.26 3.01 -4.66
C MET A 998 0.56 2.08 -5.67
N LEU A 999 0.97 2.09 -6.94
CA LEU A 999 0.28 1.29 -7.98
C LEU A 999 0.34 -0.23 -7.77
N GLY A 1000 1.36 -0.71 -7.06
CA GLY A 1000 1.48 -2.13 -6.73
C GLY A 1000 0.89 -2.53 -5.38
N SER A 1001 0.21 -1.59 -4.72
CA SER A 1001 -0.31 -1.83 -3.37
C SER A 1001 -1.45 -2.85 -3.28
N GLY A 1002 -2.20 -3.01 -4.38
CA GLY A 1002 -3.36 -3.88 -4.41
C GLY A 1002 -4.67 -3.18 -4.10
N MET A 1003 -4.62 -1.86 -3.93
CA MET A 1003 -5.83 -1.06 -3.76
C MET A 1003 -6.58 -0.98 -5.09
N PRO A 1004 -7.90 -1.27 -5.11
CA PRO A 1004 -8.69 -1.17 -6.34
C PRO A 1004 -8.65 0.20 -7.04
N GLU A 1005 -8.48 1.27 -6.27
CA GLU A 1005 -8.47 2.65 -6.79
C GLU A 1005 -7.14 3.07 -7.43
N LEU A 1006 -6.06 2.31 -7.17
CA LEU A 1006 -4.74 2.58 -7.75
C LEU A 1006 -4.12 1.31 -8.31
N GLN A 1007 -4.62 0.88 -9.47
CA GLN A 1007 -4.10 -0.29 -10.19
C GLN A 1007 -3.27 0.06 -11.43
N SER A 1008 -3.67 1.11 -12.15
CA SER A 1008 -2.99 1.54 -13.37
C SER A 1008 -2.75 3.05 -13.39
N PHE A 1009 -1.92 3.48 -14.33
CA PHE A 1009 -1.67 4.92 -14.55
C PHE A 1009 -2.90 5.68 -15.06
N ASP A 1010 -3.84 4.96 -15.66
CA ASP A 1010 -5.13 5.52 -16.06
C ASP A 1010 -5.97 5.98 -14.85
N ASP A 1011 -5.82 5.28 -13.72
CA ASP A 1011 -6.49 5.66 -12.47
C ASP A 1011 -5.90 6.93 -11.85
N ILE A 1012 -4.58 7.09 -11.95
CA ILE A 1012 -3.89 8.29 -11.43
C ILE A 1012 -4.18 9.54 -12.28
N ALA A 1013 -4.54 9.34 -13.54
CA ALA A 1013 -4.84 10.46 -14.46
C ALA A 1013 -5.99 11.40 -14.04
N TYR A 1014 -6.82 10.99 -13.08
CA TYR A 1014 -7.89 11.84 -12.56
C TYR A 1014 -7.36 13.16 -11.98
N ILE A 1015 -6.29 13.10 -11.18
CA ILE A 1015 -5.71 14.32 -10.59
C ILE A 1015 -5.05 15.25 -11.61
N ARG A 1016 -4.66 14.70 -12.76
CA ARG A 1016 -4.17 15.51 -13.87
C ARG A 1016 -5.30 16.31 -14.52
N LYS A 1017 -6.47 15.68 -14.62
CA LYS A 1017 -7.67 16.35 -15.17
C LYS A 1017 -8.24 17.43 -14.23
N THR A 1018 -8.25 17.16 -12.93
CA THR A 1018 -8.74 18.15 -11.94
C THR A 1018 -7.77 19.32 -11.76
N LEU A 1019 -6.48 19.02 -11.73
CA LEU A 1019 -5.43 20.06 -11.70
C LEU A 1019 -5.17 20.69 -13.07
N ALA A 1020 -5.61 20.03 -14.14
CA ALA A 1020 -5.57 20.56 -15.52
C ALA A 1020 -4.13 20.80 -16.00
N LEU A 1021 -3.33 19.74 -15.92
CA LEU A 1021 -1.89 19.83 -16.17
C LEU A 1021 -1.52 19.95 -17.66
N ASP A 1022 -2.43 19.57 -18.55
CA ASP A 1022 -2.28 19.83 -19.99
C ASP A 1022 -2.80 21.23 -20.41
N LYS A 1023 -2.89 22.16 -19.46
CA LYS A 1023 -3.36 23.51 -19.72
C LYS A 1023 -2.52 24.55 -18.96
N THR A 1024 -2.70 25.81 -19.33
CA THR A 1024 -1.97 26.93 -18.71
C THR A 1024 -2.46 27.16 -17.27
N GLU A 1025 -1.63 27.80 -16.45
CA GLU A 1025 -2.01 28.18 -15.08
C GLU A 1025 -3.33 28.97 -15.04
N GLN A 1026 -3.49 29.90 -15.99
CA GLN A 1026 -4.71 30.73 -16.06
C GLN A 1026 -5.90 29.94 -16.60
N GLU A 1027 -5.65 29.01 -17.52
CA GLU A 1027 -6.69 28.10 -18.04
C GLU A 1027 -7.16 27.12 -16.96
N ALA A 1028 -6.21 26.60 -16.18
CA ALA A 1028 -6.50 25.71 -15.05
C ALA A 1028 -7.31 26.42 -13.96
N LEU A 1029 -6.99 27.67 -13.70
CA LEU A 1029 -7.75 28.51 -12.76
C LEU A 1029 -9.16 28.80 -13.29
N GLU A 1030 -9.27 29.03 -14.60
CA GLU A 1030 -10.57 29.19 -15.27
C GLU A 1030 -11.39 27.90 -15.25
N TYR A 1031 -10.71 26.75 -15.40
CA TYR A 1031 -11.34 25.43 -15.27
C TYR A 1031 -11.95 25.21 -13.88
N PHE A 1032 -11.18 25.55 -12.84
CA PHE A 1032 -11.63 25.42 -11.44
C PHE A 1032 -12.92 26.21 -11.16
N MET A 1033 -12.99 27.44 -11.66
CA MET A 1033 -14.17 28.31 -11.51
C MET A 1033 -15.43 27.73 -12.15
N LYS A 1034 -15.29 27.10 -13.31
CA LYS A 1034 -16.42 26.52 -14.04
C LYS A 1034 -17.02 25.31 -13.32
N GLN A 1035 -16.16 24.48 -12.72
CA GLN A 1035 -16.62 23.28 -12.00
C GLN A 1035 -17.36 23.62 -10.71
N MET A 1036 -16.92 24.67 -10.01
CA MET A 1036 -17.62 25.15 -8.82
C MET A 1036 -18.98 25.75 -9.19
N ASN A 1037 -19.04 26.48 -10.31
CA ASN A 1037 -20.27 27.13 -10.77
C ASN A 1037 -21.34 26.13 -11.21
N ASP A 1038 -20.93 25.09 -11.94
CA ASP A 1038 -21.84 24.01 -12.36
C ASP A 1038 -22.39 23.20 -11.17
N ALA A 1039 -21.56 22.98 -10.16
CA ALA A 1039 -21.96 22.29 -8.94
C ALA A 1039 -22.89 23.13 -8.05
N HIS A 1040 -22.65 24.45 -8.02
CA HIS A 1040 -23.42 25.39 -7.20
C HIS A 1040 -24.64 26.00 -7.94
N HIS A 1041 -24.81 25.67 -9.22
CA HIS A 1041 -25.94 26.14 -10.04
C HIS A 1041 -26.00 27.67 -10.17
N GLY A 1042 -24.84 28.30 -10.32
CA GLY A 1042 -24.73 29.75 -10.41
C GLY A 1042 -24.44 30.50 -9.11
N GLY A 1043 -24.62 29.82 -7.97
CA GLY A 1043 -24.33 30.40 -6.66
C GLY A 1043 -22.89 30.81 -6.46
N TRP A 1044 -21.97 30.03 -7.03
CA TRP A 1044 -20.54 30.36 -7.03
C TRP A 1044 -20.33 31.49 -8.04
N THR A 1045 -20.37 32.73 -7.54
CA THR A 1045 -20.32 33.93 -8.39
C THR A 1045 -19.16 33.88 -9.38
N THR A 1046 -19.48 34.01 -10.67
CA THR A 1046 -18.49 34.05 -11.74
C THR A 1046 -17.66 35.34 -11.69
N LYS A 1047 -16.48 35.30 -12.30
CA LYS A 1047 -15.58 36.45 -12.34
C LYS A 1047 -16.15 37.63 -13.15
N MET A 1048 -17.01 37.32 -14.13
CA MET A 1048 -17.72 38.35 -14.90
C MET A 1048 -18.84 38.95 -14.06
N MET B 1 -9.59 14.20 -54.15
CA MET B 1 -10.75 13.58 -53.43
C MET B 1 -10.47 13.44 -51.94
N ASN B 2 -9.39 12.72 -51.61
CA ASN B 2 -9.02 12.47 -50.21
C ASN B 2 -8.34 13.68 -49.58
N ASN B 3 -7.36 14.26 -50.27
CA ASN B 3 -6.61 15.42 -49.75
C ASN B 3 -7.42 16.72 -49.69
N ASN B 4 -8.51 16.81 -50.47
CA ASN B 4 -9.44 17.94 -50.41
C ASN B 4 -10.43 17.85 -49.23
N MET B 5 -10.49 16.70 -48.57
CA MET B 5 -11.34 16.48 -47.39
C MET B 5 -10.91 17.37 -46.22
N SER B 6 -11.89 17.81 -45.43
CA SER B 6 -11.62 18.64 -44.24
C SER B 6 -11.11 17.80 -43.09
N LEU B 7 -10.42 18.45 -42.14
CA LEU B 7 -9.89 17.79 -40.95
C LEU B 7 -11.01 17.32 -40.01
N GLN B 8 -12.11 18.06 -39.95
CA GLN B 8 -13.29 17.67 -39.14
C GLN B 8 -13.95 16.37 -39.61
N ASP B 9 -14.11 16.23 -40.93
CA ASP B 9 -14.74 15.04 -41.52
C ASP B 9 -13.84 13.80 -41.57
N ALA B 10 -12.54 13.97 -41.31
CA ALA B 10 -11.60 12.85 -41.31
C ALA B 10 -11.90 11.86 -40.19
N GLU B 11 -11.87 10.56 -40.54
CA GLU B 11 -12.15 9.47 -39.58
C GLU B 11 -11.15 9.43 -38.42
N TRP B 12 -9.87 9.65 -38.72
CA TRP B 12 -8.79 9.57 -37.70
C TRP B 12 -8.61 10.83 -36.83
N TYR B 13 -9.32 11.91 -37.15
CA TYR B 13 -9.29 13.13 -36.32
C TYR B 13 -10.34 13.04 -35.22
N TRP B 14 -9.91 13.16 -33.96
CA TRP B 14 -10.80 13.06 -32.79
C TRP B 14 -10.98 14.35 -31.99
N GLY B 15 -10.24 15.41 -32.34
CA GLY B 15 -10.43 16.72 -31.72
C GLY B 15 -9.95 16.78 -30.28
N ASP B 16 -10.67 17.55 -29.47
CA ASP B 16 -10.30 17.78 -28.07
C ASP B 16 -10.64 16.55 -27.21
N ILE B 17 -9.70 15.61 -27.16
CA ILE B 17 -9.76 14.46 -26.25
C ILE B 17 -8.41 14.30 -25.53
N SER B 18 -8.46 13.75 -24.33
CA SER B 18 -7.27 13.59 -23.50
C SER B 18 -6.37 12.47 -23.99
N ARG B 19 -5.11 12.49 -23.55
CA ARG B 19 -4.15 11.42 -23.84
C ARG B 19 -4.58 10.05 -23.29
N GLU B 20 -5.41 10.06 -22.23
CA GLU B 20 -5.95 8.83 -21.65
C GLU B 20 -6.94 8.14 -22.59
N GLU B 21 -7.80 8.92 -23.24
CA GLU B 21 -8.73 8.41 -24.25
C GLU B 21 -8.00 7.77 -25.43
N VAL B 22 -6.86 8.36 -25.81
CA VAL B 22 -6.01 7.83 -26.88
C VAL B 22 -5.38 6.50 -26.44
N ASN B 23 -4.90 6.43 -25.20
CA ASN B 23 -4.28 5.22 -24.64
C ASN B 23 -5.26 4.03 -24.61
N GLU B 24 -6.50 4.29 -24.21
CA GLU B 24 -7.55 3.25 -24.17
C GLU B 24 -7.84 2.65 -25.55
N LYS B 25 -7.87 3.50 -26.58
CA LYS B 25 -8.17 3.09 -27.95
C LYS B 25 -7.00 2.33 -28.61
N LEU B 26 -5.76 2.71 -28.25
CA LEU B 26 -4.56 2.07 -28.80
C LEU B 26 -4.00 0.92 -27.93
N ARG B 27 -4.68 0.58 -26.83
CA ARG B 27 -4.22 -0.53 -25.97
C ARG B 27 -4.49 -1.88 -26.62
N ASP B 28 -3.48 -2.76 -26.63
CA ASP B 28 -3.55 -4.07 -27.28
C ASP B 28 -4.02 -3.99 -28.74
N THR B 29 -3.40 -3.08 -29.50
CA THR B 29 -3.67 -2.90 -30.94
C THR B 29 -2.41 -3.23 -31.75
N ALA B 30 -2.62 -3.51 -33.03
CA ALA B 30 -1.53 -3.87 -33.95
C ALA B 30 -0.65 -2.66 -34.28
N ASP B 31 0.51 -2.94 -34.88
CA ASP B 31 1.42 -1.88 -35.33
C ASP B 31 0.80 -1.08 -36.47
N GLY B 32 1.05 0.23 -36.46
CA GLY B 32 0.46 1.13 -37.45
C GLY B 32 -0.97 1.57 -37.16
N THR B 33 -1.48 1.29 -35.95
CA THR B 33 -2.77 1.80 -35.50
C THR B 33 -2.54 3.24 -35.03
N PHE B 34 -3.43 4.17 -35.43
CA PHE B 34 -3.22 5.59 -35.16
C PHE B 34 -4.50 6.43 -35.05
N LEU B 35 -4.35 7.60 -34.44
CA LEU B 35 -5.36 8.67 -34.47
C LEU B 35 -4.73 10.02 -34.10
N VAL B 36 -5.31 11.10 -34.62
CA VAL B 36 -4.85 12.46 -34.35
C VAL B 36 -5.83 13.13 -33.37
N ARG B 37 -5.27 13.92 -32.45
CA ARG B 37 -6.06 14.74 -31.52
C ARG B 37 -5.47 16.14 -31.42
N ASP B 38 -6.20 17.03 -30.74
CA ASP B 38 -5.71 18.38 -30.45
C ASP B 38 -4.58 18.30 -29.42
N ALA B 39 -3.57 19.14 -29.58
CA ALA B 39 -2.43 19.17 -28.67
C ALA B 39 -2.79 19.79 -27.33
N SER B 40 -1.91 19.60 -26.35
CA SER B 40 -2.07 20.22 -25.03
C SER B 40 -1.90 21.73 -25.18
N THR B 41 -2.82 22.49 -24.59
CA THR B 41 -2.80 23.96 -24.68
C THR B 41 -1.61 24.59 -23.92
N LYS B 42 -1.02 23.82 -22.99
CA LYS B 42 0.21 24.22 -22.31
C LYS B 42 1.41 24.23 -23.26
N MET B 43 1.61 23.10 -23.96
CA MET B 43 2.79 22.92 -24.83
C MET B 43 2.59 23.55 -26.21
N HIS B 44 3.69 23.70 -26.95
CA HIS B 44 3.67 24.17 -28.34
C HIS B 44 3.03 23.12 -29.27
N GLY B 45 2.77 23.52 -30.51
CA GLY B 45 2.20 22.64 -31.54
C GLY B 45 0.70 22.67 -31.59
N ASP B 46 0.13 22.15 -32.68
CA ASP B 46 -1.31 22.19 -32.94
C ASP B 46 -1.97 20.84 -32.67
N TYR B 47 -1.46 19.78 -33.29
CA TYR B 47 -2.02 18.43 -33.16
C TYR B 47 -0.94 17.42 -32.78
N THR B 48 -1.40 16.29 -32.23
CA THR B 48 -0.52 15.20 -31.81
C THR B 48 -0.95 13.90 -32.50
N LEU B 49 -0.09 13.39 -33.38
CA LEU B 49 -0.27 12.07 -33.98
C LEU B 49 0.24 11.02 -33.01
N THR B 50 -0.64 10.10 -32.60
CA THR B 50 -0.27 9.01 -31.70
C THR B 50 -0.44 7.70 -32.46
N LEU B 51 0.67 7.02 -32.74
CA LEU B 51 0.68 5.76 -33.50
C LEU B 51 1.30 4.63 -32.70
N ARG B 52 1.09 3.40 -33.17
CA ARG B 52 1.55 2.18 -32.51
C ARG B 52 2.81 1.62 -33.21
N LYS B 53 3.79 1.21 -32.42
CA LYS B 53 5.04 0.63 -32.94
C LYS B 53 5.77 -0.14 -31.84
N GLY B 54 5.98 -1.45 -32.06
CA GLY B 54 6.61 -2.33 -31.06
C GLY B 54 5.81 -2.50 -29.78
N GLY B 55 4.48 -2.40 -29.88
CA GLY B 55 3.60 -2.43 -28.71
C GLY B 55 3.67 -1.19 -27.82
N ASN B 56 4.10 -0.06 -28.38
CA ASN B 56 4.24 1.21 -27.66
C ASN B 56 3.56 2.34 -28.42
N ASN B 57 2.96 3.28 -27.68
CA ASN B 57 2.34 4.46 -28.27
C ASN B 57 3.41 5.52 -28.54
N LYS B 58 3.66 5.80 -29.81
CA LYS B 58 4.62 6.81 -30.24
C LYS B 58 3.88 8.12 -30.54
N LEU B 59 4.11 9.14 -29.71
CA LEU B 59 3.51 10.47 -29.90
C LEU B 59 4.40 11.34 -30.78
N ILE B 60 3.92 11.68 -31.97
CA ILE B 60 4.62 12.57 -32.90
C ILE B 60 3.79 13.84 -33.06
N LYS B 61 4.39 14.99 -32.72
CA LYS B 61 3.70 16.29 -32.75
C LYS B 61 3.75 16.93 -34.14
N ILE B 62 2.64 17.55 -34.54
CA ILE B 62 2.50 18.22 -35.83
C ILE B 62 2.47 19.74 -35.61
N PHE B 63 3.53 20.43 -36.04
CA PHE B 63 3.65 21.89 -35.89
C PHE B 63 3.02 22.61 -37.08
N HIS B 64 2.92 23.94 -36.99
CA HIS B 64 2.38 24.78 -38.08
C HIS B 64 3.05 26.15 -38.15
N ARG B 65 3.28 26.63 -39.37
CA ARG B 65 3.79 27.99 -39.61
C ARG B 65 3.54 28.41 -41.06
N ASP B 66 2.73 29.45 -41.24
CA ASP B 66 2.45 30.05 -42.56
C ASP B 66 1.89 29.03 -43.57
N GLY B 67 0.72 28.50 -43.24
CA GLY B 67 -0.02 27.57 -44.10
C GLY B 67 0.67 26.25 -44.44
N LYS B 68 1.59 25.80 -43.58
CA LYS B 68 2.34 24.56 -43.80
C LYS B 68 2.50 23.76 -42.50
N TYR B 69 2.18 22.46 -42.56
CA TYR B 69 2.27 21.54 -41.42
C TYR B 69 3.44 20.56 -41.58
N GLY B 70 3.84 19.94 -40.47
CA GLY B 70 4.96 19.00 -40.48
C GLY B 70 5.45 18.61 -39.08
N PHE B 71 6.41 17.69 -39.03
CA PHE B 71 7.00 17.21 -37.76
C PHE B 71 8.14 18.10 -37.26
N SER B 72 8.94 18.65 -38.18
CA SER B 72 10.00 19.59 -37.84
C SER B 72 10.30 20.53 -39.00
N ASP B 73 11.15 21.52 -38.76
CA ASP B 73 11.55 22.48 -39.80
C ASP B 73 12.43 21.78 -40.84
N PRO B 74 12.18 21.94 -42.14
CA PRO B 74 11.14 22.80 -42.71
C PRO B 74 9.77 22.11 -42.80
N LEU B 75 8.72 22.88 -42.58
CA LEU B 75 7.34 22.37 -42.67
C LEU B 75 6.91 22.34 -44.14
N THR B 76 6.75 21.14 -44.67
CA THR B 76 6.53 20.92 -46.12
C THR B 76 5.07 20.70 -46.53
N PHE B 77 4.28 20.04 -45.66
CA PHE B 77 2.93 19.60 -46.04
C PHE B 77 1.91 20.73 -46.05
N SER B 78 0.89 20.59 -46.90
CA SER B 78 -0.13 21.62 -47.08
C SER B 78 -1.15 21.60 -45.96
N SER B 79 -1.67 20.41 -45.66
CA SER B 79 -2.65 20.20 -44.59
C SER B 79 -2.31 18.96 -43.76
N VAL B 80 -3.07 18.76 -42.69
CA VAL B 80 -2.91 17.58 -41.83
C VAL B 80 -3.35 16.31 -42.58
N VAL B 81 -4.40 16.40 -43.38
CA VAL B 81 -4.87 15.28 -44.20
C VAL B 81 -3.81 14.85 -45.22
N GLU B 82 -3.16 15.82 -45.85
CA GLU B 82 -2.06 15.54 -46.78
C GLU B 82 -0.88 14.86 -46.06
N LEU B 83 -0.58 15.31 -44.85
CA LEU B 83 0.48 14.73 -44.03
C LEU B 83 0.17 13.28 -43.66
N ILE B 84 -1.04 13.04 -43.16
CA ILE B 84 -1.45 11.68 -42.74
C ILE B 84 -1.53 10.74 -43.95
N ASN B 85 -2.29 11.12 -44.97
CA ASN B 85 -2.49 10.27 -46.17
C ASN B 85 -1.20 9.95 -46.93
N HIS B 86 -0.19 10.82 -46.82
CA HIS B 86 1.15 10.54 -47.32
C HIS B 86 1.78 9.37 -46.57
N TYR B 87 1.76 9.44 -45.25
CA TYR B 87 2.33 8.39 -44.40
C TYR B 87 1.41 7.16 -44.22
N ARG B 88 0.17 7.24 -44.71
CA ARG B 88 -0.65 6.03 -44.92
C ARG B 88 -0.08 5.18 -46.06
N ASN B 89 0.40 5.84 -47.11
CA ASN B 89 0.97 5.16 -48.28
C ASN B 89 2.45 4.87 -48.09
N GLU B 90 3.23 5.91 -47.77
CA GLU B 90 4.68 5.80 -47.59
C GLU B 90 5.03 5.54 -46.11
N SER B 91 6.22 4.97 -45.88
CA SER B 91 6.68 4.66 -44.52
C SER B 91 7.11 5.90 -43.75
N LEU B 92 7.09 5.80 -42.42
CA LEU B 92 7.63 6.83 -41.53
C LEU B 92 9.16 6.74 -41.36
N ALA B 93 9.79 5.72 -41.97
CA ALA B 93 11.25 5.65 -42.10
C ALA B 93 11.85 6.88 -42.79
N GLN B 94 11.09 7.49 -43.70
CA GLN B 94 11.44 8.77 -44.33
C GLN B 94 11.76 9.85 -43.28
N TYR B 95 10.87 10.00 -42.30
CA TYR B 95 11.04 10.96 -41.22
C TYR B 95 12.15 10.53 -40.25
N ASN B 96 11.99 9.33 -39.70
CA ASN B 96 12.93 8.78 -38.72
C ASN B 96 13.09 7.26 -38.95
N PRO B 97 14.31 6.80 -39.29
CA PRO B 97 14.59 5.36 -39.47
C PRO B 97 14.23 4.42 -38.30
N LYS B 98 14.19 4.95 -37.08
CA LYS B 98 13.78 4.18 -35.89
C LYS B 98 12.43 3.48 -36.10
N LEU B 99 11.40 4.26 -36.41
CA LEU B 99 10.03 3.74 -36.54
C LEU B 99 9.66 3.51 -38.01
N ASP B 100 10.14 2.38 -38.53
CA ASP B 100 9.78 1.92 -39.87
C ASP B 100 8.39 1.28 -39.81
N VAL B 101 7.37 2.10 -40.05
CA VAL B 101 5.97 1.64 -40.00
C VAL B 101 5.06 2.64 -40.71
N LYS B 102 4.02 2.14 -41.38
CA LYS B 102 3.02 2.98 -42.05
C LYS B 102 1.82 3.22 -41.15
N LEU B 103 1.08 4.28 -41.42
CA LEU B 103 -0.17 4.58 -40.72
C LEU B 103 -1.29 3.72 -41.33
N LEU B 104 -1.30 2.45 -40.92
CA LEU B 104 -2.11 1.42 -41.59
C LEU B 104 -3.57 1.37 -41.15
N TYR B 105 -3.80 1.39 -39.83
CA TYR B 105 -5.14 1.14 -39.26
C TYR B 105 -5.69 2.37 -38.52
N PRO B 106 -6.48 3.22 -39.22
CA PRO B 106 -7.04 4.41 -38.55
C PRO B 106 -8.13 4.07 -37.54
N VAL B 107 -8.02 4.61 -36.33
CA VAL B 107 -9.05 4.48 -35.31
C VAL B 107 -10.18 5.46 -35.66
N SER B 108 -11.19 4.96 -36.35
CA SER B 108 -12.28 5.79 -36.87
C SER B 108 -13.21 6.28 -35.75
N LYS B 109 -13.57 7.56 -35.79
CA LYS B 109 -14.63 8.10 -34.94
C LYS B 109 -16.04 7.82 -35.49
N TYR B 110 -16.10 7.19 -36.68
CA TYR B 110 -17.33 6.60 -37.21
C TYR B 110 -17.35 5.07 -37.02
N GLN B 111 -16.55 4.57 -36.07
CA GLN B 111 -16.52 3.15 -35.69
C GLN B 111 -17.77 2.80 -34.88
N GLN B 112 -18.14 3.69 -33.95
CA GLN B 112 -19.37 3.52 -33.16
C GLN B 112 -20.66 3.54 -33.98
N ASP B 113 -20.64 4.23 -35.14
CA ASP B 113 -21.78 4.22 -36.07
C ASP B 113 -22.12 2.83 -36.62
N GLN B 114 -21.11 1.96 -36.70
CA GLN B 114 -21.31 0.55 -37.05
C GLN B 114 -21.99 -0.22 -35.90
N VAL B 115 -21.51 0.01 -34.67
CA VAL B 115 -22.02 -0.71 -33.49
C VAL B 115 -23.41 -0.21 -33.07
N VAL B 116 -23.64 1.10 -33.13
CA VAL B 116 -24.97 1.70 -32.89
C VAL B 116 -25.47 2.40 -34.16
N LYS B 117 -26.19 1.64 -34.99
CA LYS B 117 -26.65 2.11 -36.31
C LYS B 117 -27.92 2.97 -36.22
N GLU B 118 -28.76 2.71 -35.23
CA GLU B 118 -29.99 3.49 -35.00
C GLU B 118 -29.70 5.00 -34.82
N ASP B 119 -30.54 5.83 -35.42
CA ASP B 119 -30.28 7.27 -35.56
C ASP B 119 -30.91 8.14 -34.45
N ASN B 120 -32.07 7.72 -33.93
CA ASN B 120 -32.83 8.53 -32.96
C ASN B 120 -32.06 8.70 -31.63
N ILE B 121 -32.13 9.90 -31.07
CA ILE B 121 -31.39 10.28 -29.86
C ILE B 121 -32.02 9.64 -28.62
N GLU B 122 -33.36 9.66 -28.54
CA GLU B 122 -34.09 9.06 -27.42
C GLU B 122 -34.01 7.53 -27.42
N ALA B 123 -33.91 6.93 -28.61
CA ALA B 123 -33.74 5.47 -28.75
C ALA B 123 -32.36 5.01 -28.26
N VAL B 124 -31.32 5.76 -28.63
CA VAL B 124 -29.95 5.48 -28.17
C VAL B 124 -29.82 5.72 -26.66
N GLY B 125 -30.49 6.77 -26.17
CA GLY B 125 -30.56 7.05 -24.74
C GLY B 125 -31.21 5.96 -23.90
N LYS B 126 -32.26 5.34 -24.46
CA LYS B 126 -32.95 4.23 -23.78
C LYS B 126 -32.12 2.93 -23.81
N LYS B 127 -31.46 2.66 -24.94
CA LYS B 127 -30.57 1.50 -25.05
C LYS B 127 -29.31 1.62 -24.16
N LEU B 128 -28.84 2.85 -23.95
CA LEU B 128 -27.76 3.13 -22.99
C LEU B 128 -28.21 2.84 -21.56
N HIS B 129 -29.46 3.16 -21.24
CA HIS B 129 -30.05 2.79 -19.94
C HIS B 129 -30.17 1.28 -19.76
N GLU B 130 -30.54 0.57 -20.84
CA GLU B 130 -30.66 -0.89 -20.82
C GLU B 130 -29.29 -1.59 -20.72
N TYR B 131 -28.34 -1.17 -21.55
CA TYR B 131 -26.98 -1.74 -21.51
C TYR B 131 -26.24 -1.45 -20.19
N ASN B 132 -26.49 -0.28 -19.61
CA ASN B 132 -25.91 0.09 -18.31
C ASN B 132 -26.48 -0.75 -17.15
N THR B 133 -27.78 -1.07 -17.21
CA THR B 133 -28.41 -1.92 -16.20
C THR B 133 -27.92 -3.37 -16.27
N GLN B 134 -27.69 -3.89 -17.48
CA GLN B 134 -27.07 -5.20 -17.68
C GLN B 134 -25.62 -5.25 -17.16
N PHE B 135 -24.90 -4.14 -17.32
CA PHE B 135 -23.55 -4.00 -16.79
C PHE B 135 -23.52 -3.94 -15.26
N GLN B 136 -24.37 -3.11 -14.68
CA GLN B 136 -24.50 -3.01 -13.22
C GLN B 136 -24.93 -4.31 -12.55
N GLU B 137 -25.77 -5.10 -13.25
CA GLU B 137 -26.19 -6.40 -12.76
C GLU B 137 -25.05 -7.42 -12.78
N LYS B 138 -24.38 -7.53 -13.93
CA LYS B 138 -23.21 -8.40 -14.07
C LYS B 138 -22.03 -8.01 -13.17
N SER B 139 -21.89 -6.72 -12.90
CA SER B 139 -20.83 -6.20 -12.03
C SER B 139 -21.06 -6.60 -10.56
N ARG B 140 -22.29 -6.46 -10.08
CA ARG B 140 -22.66 -6.91 -8.73
C ARG B 140 -22.60 -8.42 -8.58
N GLU B 141 -22.85 -9.14 -9.67
CA GLU B 141 -22.68 -10.61 -9.71
C GLU B 141 -21.20 -10.99 -9.58
N TYR B 142 -20.33 -10.25 -10.28
CA TYR B 142 -18.88 -10.46 -10.22
C TYR B 142 -18.30 -10.12 -8.85
N ASP B 143 -18.75 -9.01 -8.26
CA ASP B 143 -18.31 -8.59 -6.92
C ASP B 143 -18.69 -9.60 -5.84
N ARG B 144 -19.90 -10.15 -5.93
CA ARG B 144 -20.36 -11.19 -5.01
C ARG B 144 -19.57 -12.50 -5.15
N LEU B 145 -19.20 -12.85 -6.38
CA LEU B 145 -18.31 -14.01 -6.63
C LEU B 145 -16.90 -13.77 -6.11
N TYR B 146 -16.41 -12.53 -6.23
CA TYR B 146 -15.07 -12.17 -5.74
C TYR B 146 -14.99 -12.13 -4.20
N GLU B 147 -16.09 -11.81 -3.54
CA GLU B 147 -16.20 -11.91 -2.07
C GLU B 147 -16.04 -13.37 -1.61
N GLU B 148 -16.74 -14.27 -2.28
CA GLU B 148 -16.61 -15.70 -2.05
C GLU B 148 -15.21 -16.22 -2.41
N TYR B 149 -14.69 -15.76 -3.55
CA TYR B 149 -13.37 -16.15 -4.05
C TYR B 149 -12.23 -15.87 -3.06
N THR B 150 -12.27 -14.68 -2.44
CA THR B 150 -11.28 -14.30 -1.43
C THR B 150 -11.49 -15.03 -0.09
N ARG B 151 -12.75 -15.15 0.32
CA ARG B 151 -13.08 -15.85 1.58
C ARG B 151 -12.77 -17.35 1.50
N THR B 152 -13.07 -17.96 0.34
CA THR B 152 -12.74 -19.36 0.08
C THR B 152 -11.22 -19.59 0.00
N SER B 153 -10.51 -18.65 -0.60
CA SER B 153 -9.04 -18.69 -0.67
C SER B 153 -8.39 -18.64 0.71
N GLN B 154 -8.91 -17.77 1.57
CA GLN B 154 -8.42 -17.63 2.96
C GLN B 154 -8.72 -18.86 3.81
N GLU B 155 -9.96 -19.36 3.73
CA GLU B 155 -10.38 -20.55 4.49
C GLU B 155 -9.63 -21.82 4.08
N ILE B 156 -9.29 -21.94 2.79
CA ILE B 156 -8.41 -23.01 2.32
C ILE B 156 -7.03 -22.88 2.96
N GLN B 157 -6.50 -21.65 3.00
CA GLN B 157 -5.19 -21.39 3.62
C GLN B 157 -5.19 -21.63 5.14
N MET B 158 -6.31 -21.37 5.80
CA MET B 158 -6.49 -21.74 7.21
C MET B 158 -6.47 -23.26 7.39
N LYS B 159 -7.21 -23.97 6.54
CA LYS B 159 -7.25 -25.43 6.57
C LYS B 159 -5.91 -26.08 6.21
N ARG B 160 -5.23 -25.53 5.21
CA ARG B 160 -3.92 -26.05 4.75
C ARG B 160 -2.89 -26.07 5.89
N THR B 161 -2.86 -25.00 6.67
CA THR B 161 -1.99 -24.90 7.86
C THR B 161 -2.40 -25.91 8.93
N ALA B 162 -3.71 -26.07 9.13
CA ALA B 162 -4.25 -27.02 10.11
C ALA B 162 -3.94 -28.49 9.78
N ILE B 163 -3.75 -28.81 8.51
CA ILE B 163 -3.32 -30.16 8.09
C ILE B 163 -1.91 -30.44 8.59
N GLU B 164 -1.00 -29.47 8.41
CA GLU B 164 0.37 -29.57 8.93
C GLU B 164 0.41 -29.60 10.46
N ALA B 165 -0.47 -28.83 11.10
CA ALA B 165 -0.61 -28.83 12.55
C ALA B 165 -1.15 -30.15 13.09
N PHE B 166 -2.08 -30.78 12.36
CA PHE B 166 -2.54 -32.14 12.68
C PHE B 166 -1.42 -33.17 12.54
N ASN B 167 -0.62 -33.05 11.48
CA ASN B 167 0.48 -33.99 11.21
C ASN B 167 1.61 -33.89 12.24
N GLU B 168 1.94 -32.67 12.67
CA GLU B 168 2.89 -32.48 13.78
C GLU B 168 2.34 -33.02 15.11
N THR B 169 1.03 -32.87 15.33
CA THR B 169 0.37 -33.42 16.51
C THR B 169 0.39 -34.95 16.51
N ILE B 170 0.19 -35.56 15.34
CA ILE B 170 0.27 -37.03 15.19
C ILE B 170 1.70 -37.52 15.41
N LYS B 171 2.69 -36.80 14.88
CA LYS B 171 4.11 -37.12 15.10
C LYS B 171 4.49 -37.16 16.58
N ILE B 172 3.99 -36.18 17.35
CA ILE B 172 4.27 -36.10 18.78
C ILE B 172 3.60 -37.25 19.55
N PHE B 173 2.38 -37.61 19.17
CA PHE B 173 1.66 -38.75 19.77
C PHE B 173 2.28 -40.10 19.34
N GLU B 174 2.85 -40.16 18.14
CA GLU B 174 3.61 -41.34 17.70
C GLU B 174 4.96 -41.44 18.41
N GLU B 175 5.60 -40.31 18.67
CA GLU B 175 6.81 -40.25 19.52
C GLU B 175 6.52 -40.67 20.96
N GLN B 176 5.31 -40.41 21.43
CA GLN B 176 4.87 -40.87 22.76
C GLN B 176 4.71 -42.39 22.82
N CYS B 177 4.25 -43.00 21.72
CA CYS B 177 4.21 -44.46 21.60
C CYS B 177 5.62 -45.07 21.59
N GLN B 178 6.55 -44.43 20.89
CA GLN B 178 7.97 -44.84 20.89
C GLN B 178 8.59 -44.75 22.28
N THR B 179 8.20 -43.71 23.03
CA THR B 179 8.64 -43.53 24.42
C THR B 179 8.04 -44.60 25.34
N GLN B 180 6.76 -44.90 25.15
CA GLN B 180 6.07 -45.93 25.93
C GLN B 180 6.60 -47.33 25.63
N GLU B 181 6.82 -47.63 24.35
CA GLU B 181 7.26 -48.95 23.91
C GLU B 181 8.62 -49.35 24.50
N ARG B 182 9.61 -48.46 24.37
CA ARG B 182 10.99 -48.77 24.77
C ARG B 182 11.21 -48.84 26.29
N TYR B 183 10.63 -47.90 27.04
CA TYR B 183 10.78 -47.89 28.51
C TYR B 183 9.96 -48.98 29.22
N SER B 184 8.79 -49.33 28.68
CA SER B 184 7.93 -50.36 29.27
C SER B 184 8.36 -51.80 28.97
N LYS B 185 9.32 -52.00 28.06
CA LYS B 185 9.83 -53.34 27.72
C LYS B 185 10.46 -54.02 28.94
N GLU B 186 11.42 -53.34 29.57
CA GLU B 186 12.11 -53.88 30.75
C GLU B 186 11.23 -53.93 32.01
N TYR B 187 10.36 -52.93 32.19
CA TYR B 187 9.52 -52.83 33.39
C TYR B 187 8.38 -53.86 33.41
N ILE B 188 7.72 -54.08 32.27
CA ILE B 188 6.71 -55.13 32.15
C ILE B 188 7.34 -56.53 32.30
N GLU B 189 8.58 -56.69 31.84
CA GLU B 189 9.33 -57.93 32.01
C GLU B 189 9.64 -58.24 33.49
N LYS B 190 9.85 -57.20 34.29
CA LYS B 190 9.97 -57.35 35.76
C LYS B 190 8.62 -57.72 36.39
N PHE B 191 7.55 -57.11 35.90
CA PHE B 191 6.19 -57.38 36.40
C PHE B 191 5.51 -58.63 35.80
N LYS B 192 6.17 -59.35 34.90
CA LYS B 192 5.67 -60.65 34.39
C LYS B 192 6.37 -61.85 35.06
N ARG B 193 7.70 -61.75 35.25
CA ARG B 193 8.46 -62.75 36.02
C ARG B 193 8.03 -62.76 37.49
N GLU B 194 7.70 -61.57 38.02
CA GLU B 194 6.92 -61.44 39.25
C GLU B 194 5.45 -61.50 38.86
N GLY B 195 4.60 -61.98 39.76
CA GLY B 195 3.15 -61.99 39.54
C GLY B 195 2.53 -60.63 39.82
N ASN B 196 2.39 -59.80 38.79
CA ASN B 196 1.79 -58.47 38.95
C ASN B 196 0.99 -58.05 37.71
N GLU B 197 -0.04 -58.85 37.40
CA GLU B 197 -1.00 -58.54 36.33
C GLU B 197 -1.87 -57.30 36.64
N LYS B 198 -2.00 -56.96 37.93
CA LYS B 198 -2.64 -55.72 38.38
C LYS B 198 -1.95 -54.48 37.77
N GLU B 199 -0.63 -54.51 37.70
CA GLU B 199 0.16 -53.41 37.12
C GLU B 199 0.12 -53.42 35.59
N ILE B 200 0.19 -54.61 34.98
CA ILE B 200 0.06 -54.76 33.51
C ILE B 200 -1.32 -54.27 33.02
N GLN B 201 -2.36 -54.57 33.77
CA GLN B 201 -3.73 -54.17 33.41
C GLN B 201 -3.88 -52.65 33.28
N ARG B 202 -3.36 -51.91 34.25
CA ARG B 202 -3.46 -50.43 34.25
C ARG B 202 -2.34 -49.71 33.47
N ILE B 203 -1.31 -50.44 33.01
CA ILE B 203 -0.34 -49.92 32.04
C ILE B 203 -0.86 -50.12 30.61
N MET B 204 -1.34 -51.34 30.33
CA MET B 204 -1.93 -51.65 29.01
C MET B 204 -3.24 -50.91 28.75
N HIS B 205 -3.97 -50.59 29.82
CA HIS B 205 -5.13 -49.68 29.75
C HIS B 205 -4.70 -48.26 29.31
N ASN B 206 -3.59 -47.78 29.87
CA ASN B 206 -3.04 -46.47 29.52
C ASN B 206 -2.50 -46.44 28.08
N TYR B 207 -1.95 -47.56 27.62
CA TYR B 207 -1.49 -47.70 26.23
C TYR B 207 -2.64 -47.72 25.22
N ASP B 208 -3.76 -48.36 25.58
CA ASP B 208 -4.98 -48.34 24.76
C ASP B 208 -5.59 -46.95 24.65
N LYS B 209 -5.59 -46.20 25.75
CA LYS B 209 -6.08 -44.82 25.78
C LYS B 209 -5.26 -43.90 24.88
N LEU B 210 -3.96 -44.16 24.78
CA LEU B 210 -3.08 -43.42 23.87
C LEU B 210 -3.41 -43.73 22.41
N LYS B 211 -3.45 -45.02 22.07
CA LYS B 211 -3.76 -45.46 20.69
C LYS B 211 -5.18 -45.11 20.25
N SER B 212 -6.12 -45.10 21.19
CA SER B 212 -7.49 -44.64 20.92
C SER B 212 -7.52 -43.16 20.56
N ARG B 213 -6.73 -42.35 21.27
CA ARG B 213 -6.62 -40.92 21.01
C ARG B 213 -5.92 -40.61 19.68
N ILE B 214 -4.99 -41.47 19.26
CA ILE B 214 -4.33 -41.35 17.95
C ILE B 214 -5.33 -41.61 16.81
N SER B 215 -6.17 -42.64 16.96
CA SER B 215 -7.22 -42.95 15.98
C SER B 215 -8.21 -41.81 15.78
N GLU B 216 -8.56 -41.12 16.86
CA GLU B 216 -9.47 -39.97 16.81
C GLU B 216 -8.84 -38.74 16.14
N ILE B 217 -7.57 -38.49 16.45
CA ILE B 217 -6.82 -37.37 15.85
C ILE B 217 -6.54 -37.62 14.36
N ILE B 218 -6.25 -38.87 13.99
CA ILE B 218 -6.09 -39.24 12.58
C ILE B 218 -7.43 -39.14 11.82
N ASP B 219 -8.54 -39.44 12.49
CA ASP B 219 -9.88 -39.25 11.91
C ASP B 219 -10.19 -37.77 11.66
N SER B 220 -9.87 -36.92 12.64
CA SER B 220 -10.09 -35.47 12.52
C SER B 220 -9.28 -34.83 11.39
N ARG B 221 -8.06 -35.32 11.19
CA ARG B 221 -7.23 -34.90 10.05
C ARG B 221 -7.79 -35.45 8.73
N ARG B 222 -8.25 -36.71 8.74
CA ARG B 222 -8.87 -37.34 7.58
C ARG B 222 -10.17 -36.62 7.15
N ARG B 223 -11.00 -36.25 8.13
CA ARG B 223 -12.22 -35.47 7.88
C ARG B 223 -11.92 -34.07 7.32
N LEU B 224 -10.84 -33.46 7.81
CA LEU B 224 -10.41 -32.12 7.35
C LEU B 224 -9.90 -32.14 5.90
N GLU B 225 -9.20 -33.21 5.52
CA GLU B 225 -8.74 -33.40 4.13
C GLU B 225 -9.89 -33.49 3.13
N GLU B 226 -11.02 -34.06 3.55
CA GLU B 226 -12.24 -34.08 2.73
C GLU B 226 -12.87 -32.70 2.62
N ASP B 227 -12.88 -31.95 3.73
CA ASP B 227 -13.32 -30.55 3.74
C ASP B 227 -12.41 -29.64 2.90
N LEU B 228 -11.12 -29.96 2.84
CA LEU B 228 -10.18 -29.23 1.99
C LEU B 228 -10.47 -29.47 0.51
N LYS B 229 -10.69 -30.72 0.13
CA LYS B 229 -11.07 -31.08 -1.24
C LYS B 229 -12.44 -30.52 -1.63
N LYS B 230 -13.37 -30.52 -0.68
CA LYS B 230 -14.68 -29.90 -0.84
C LYS B 230 -14.54 -28.40 -1.12
N GLN B 231 -13.78 -27.70 -0.28
CA GLN B 231 -13.61 -26.24 -0.39
C GLN B 231 -12.66 -25.82 -1.52
N ALA B 232 -11.69 -26.66 -1.85
CA ALA B 232 -10.82 -26.42 -3.02
C ALA B 232 -11.59 -26.53 -4.33
N ALA B 233 -12.58 -27.41 -4.36
CA ALA B 233 -13.50 -27.52 -5.51
C ALA B 233 -14.39 -26.28 -5.66
N GLU B 234 -14.82 -25.72 -4.53
CA GLU B 234 -15.58 -24.46 -4.52
C GLU B 234 -14.76 -23.27 -5.04
N TYR B 235 -13.47 -23.24 -4.72
CA TYR B 235 -12.54 -22.22 -5.24
C TYR B 235 -12.41 -22.31 -6.77
N ARG B 236 -12.17 -23.52 -7.27
CA ARG B 236 -12.11 -23.77 -8.72
C ARG B 236 -13.44 -23.51 -9.42
N GLU B 237 -14.55 -23.78 -8.74
CA GLU B 237 -15.89 -23.51 -9.29
C GLU B 237 -16.20 -22.02 -9.38
N ILE B 238 -15.89 -21.28 -8.31
CA ILE B 238 -16.05 -19.82 -8.29
C ILE B 238 -15.16 -19.16 -9.35
N ASP B 239 -13.93 -19.64 -9.47
CA ASP B 239 -12.99 -19.11 -10.48
C ASP B 239 -13.52 -19.31 -11.91
N LYS B 240 -14.14 -20.46 -12.17
CA LYS B 240 -14.80 -20.74 -13.45
C LYS B 240 -15.96 -19.80 -13.74
N ARG B 241 -16.80 -19.57 -12.72
CA ARG B 241 -17.93 -18.63 -12.84
C ARG B 241 -17.47 -17.21 -13.16
N MET B 242 -16.41 -16.76 -12.48
CA MET B 242 -15.83 -15.43 -12.72
C MET B 242 -15.26 -15.29 -14.13
N ASN B 243 -14.60 -16.33 -14.63
CA ASN B 243 -13.99 -16.31 -15.96
C ASN B 243 -14.98 -16.34 -17.14
N SER B 244 -16.25 -16.69 -16.86
CA SER B 244 -17.33 -16.55 -17.85
C SER B 244 -17.96 -15.16 -17.81
N ILE B 245 -18.03 -14.55 -16.63
CA ILE B 245 -18.56 -13.19 -16.46
C ILE B 245 -17.56 -12.11 -16.90
N LYS B 246 -16.26 -12.36 -16.73
CA LYS B 246 -15.20 -11.42 -17.15
C LYS B 246 -15.34 -10.91 -18.60
N PRO B 247 -15.41 -11.82 -19.60
CA PRO B 247 -15.58 -11.36 -20.99
C PRO B 247 -16.90 -10.62 -21.27
N ASP B 248 -17.97 -10.97 -20.56
CA ASP B 248 -19.25 -10.25 -20.67
C ASP B 248 -19.13 -8.81 -20.16
N LEU B 249 -18.45 -8.63 -19.03
CA LEU B 249 -18.21 -7.29 -18.47
C LEU B 249 -17.47 -6.34 -19.42
N ILE B 250 -16.49 -6.86 -20.16
CA ILE B 250 -15.72 -6.04 -21.12
C ILE B 250 -16.61 -5.65 -22.30
N GLN B 251 -17.34 -6.62 -22.84
CA GLN B 251 -18.24 -6.41 -23.98
C GLN B 251 -19.38 -5.44 -23.63
N LEU B 252 -19.96 -5.59 -22.44
CA LEU B 252 -20.99 -4.67 -21.96
C LEU B 252 -20.44 -3.25 -21.71
N ARG B 253 -19.26 -3.17 -21.11
CA ARG B 253 -18.62 -1.88 -20.83
C ARG B 253 -18.21 -1.16 -22.12
N LYS B 254 -17.53 -1.88 -23.02
CA LYS B 254 -17.09 -1.31 -24.30
C LYS B 254 -18.27 -0.86 -25.16
N THR B 255 -19.35 -1.63 -25.16
CA THR B 255 -20.59 -1.25 -25.86
C THR B 255 -21.25 -0.05 -25.19
N ARG B 256 -21.34 -0.07 -23.86
CA ARG B 256 -21.88 1.08 -23.11
C ARG B 256 -21.05 2.34 -23.31
N ASP B 257 -19.72 2.20 -23.33
CA ASP B 257 -18.81 3.32 -23.61
C ASP B 257 -19.01 3.90 -25.00
N GLN B 258 -19.15 3.04 -26.01
CA GLN B 258 -19.40 3.49 -27.40
C GLN B 258 -20.79 4.09 -27.60
N TYR B 259 -21.78 3.61 -26.85
CA TYR B 259 -23.11 4.24 -26.80
C TYR B 259 -23.05 5.61 -26.10
N LEU B 260 -22.30 5.68 -25.00
CA LEU B 260 -22.05 6.94 -24.28
C LEU B 260 -21.17 7.90 -25.10
N MET B 261 -20.25 7.34 -25.88
CA MET B 261 -19.43 8.09 -26.84
C MET B 261 -20.26 8.72 -27.95
N TRP B 262 -21.25 7.97 -28.46
CA TRP B 262 -22.16 8.48 -29.50
C TRP B 262 -23.05 9.63 -29.01
N LEU B 263 -23.34 9.67 -27.71
CA LEU B 263 -24.06 10.79 -27.08
C LEU B 263 -23.14 11.86 -26.48
N THR B 264 -21.87 11.52 -26.23
CA THR B 264 -20.82 12.51 -25.98
C THR B 264 -20.58 13.31 -27.27
N GLN B 265 -20.50 12.59 -28.39
CA GLN B 265 -20.68 13.19 -29.72
C GLN B 265 -22.11 13.70 -29.83
N LYS B 266 -22.32 14.73 -30.65
CA LYS B 266 -23.65 15.31 -30.82
C LYS B 266 -24.17 15.78 -29.44
N GLY B 267 -23.29 16.50 -28.73
CA GLY B 267 -23.40 16.78 -27.29
C GLY B 267 -24.77 16.84 -26.64
N VAL B 268 -25.06 15.84 -25.81
CA VAL B 268 -26.31 15.78 -25.04
C VAL B 268 -26.07 16.39 -23.66
N ARG B 269 -27.11 17.02 -23.10
CA ARG B 269 -27.09 17.60 -21.75
C ARG B 269 -26.66 16.54 -20.73
N GLN B 270 -25.80 16.94 -19.79
CA GLN B 270 -25.27 16.01 -18.76
C GLN B 270 -26.36 15.52 -17.80
N LYS B 271 -27.38 16.36 -17.59
CA LYS B 271 -28.61 15.97 -16.90
C LYS B 271 -29.28 14.74 -17.53
N LYS B 272 -29.39 14.73 -18.85
CA LYS B 272 -30.00 13.59 -19.58
C LYS B 272 -29.16 12.31 -19.52
N LEU B 273 -27.83 12.46 -19.59
CA LEU B 273 -26.91 11.33 -19.50
C LEU B 273 -26.95 10.67 -18.12
N ASN B 274 -26.96 11.48 -17.07
CA ASN B 274 -27.04 10.99 -15.68
C ASN B 274 -28.39 10.36 -15.33
N GLU B 275 -29.48 10.79 -16.00
CA GLU B 275 -30.80 10.16 -15.84
C GLU B 275 -30.82 8.74 -16.40
N TRP B 276 -30.27 8.56 -17.60
CA TRP B 276 -30.20 7.24 -18.25
C TRP B 276 -29.27 6.27 -17.51
N LEU B 277 -28.14 6.77 -17.01
CA LEU B 277 -27.19 5.95 -16.24
C LEU B 277 -27.67 5.77 -14.79
N GLY B 278 -27.74 6.87 -14.05
CA GLY B 278 -28.18 6.85 -12.65
C GLY B 278 -27.11 6.33 -11.73
#